data_1W61
#
_entry.id   1W61
#
_cell.length_a   131.153
_cell.length_b   91.209
_cell.length_c   85.983
_cell.angle_alpha   90.00
_cell.angle_beta   126.52
_cell.angle_gamma   90.00
#
_symmetry.space_group_name_H-M   'C 1 2 1'
#
loop_
_entity.id
_entity.type
_entity.pdbx_description
1 polymer 'B-CELL MITOGEN'
2 non-polymer PYRROLE-2-CARBOXYLATE
3 water water
#
_entity_poly.entity_id   1
_entity_poly.type   'polypeptide(L)'
_entity_poly.pdbx_seq_one_letter_code
;MGQEKLLFDQKYKIIKGEKKEKKKNQRANRREHQQKREIMRFKKSFTCIDMHTEGEAARIVTSGLPHIPGSNMAEKKAYL
QENMDYLRRGIMLEPRGHDDMFGAFLFDPIEEGADLGIVFMDTGGYLNMCGHNSIAAVTAAVETGIVSVPAKATNVPVVL
DTPAGLVRGTAHLQSGTESEVSNASIINVPSFLYQQDVVVVLPKPYGEVRVDIAFGGNFFAIVPAEQLGIDISVQNLSRL
QEAGELLRTEINRSVKVQHPQLPHINTVDCVEIYGPPTNPEANYKNVVIFGNRQADRSPCGTGTSAKMATLYAKGQLRIG
ETFVYESILGSLFQGRVLGEERIPGVKVPVTKDAEEGMLVVTAEITGKAFIMGFNTMLFDPTDPFKNGFTLKQYIWSSSV
DKLAAALEHHHHHH
;
_entity_poly.pdbx_strand_id   A,B
#
loop_
_chem_comp.id
_chem_comp.type
_chem_comp.name
_chem_comp.formula
PYC non-polymer PYRROLE-2-CARBOXYLATE 'C5 H4 N O2 -1'
#
# COMPACT_ATOMS: atom_id res chain seq x y z
N PHE A 42 -7.80 -21.91 3.90
CA PHE A 42 -6.79 -22.14 2.82
C PHE A 42 -7.42 -22.35 1.46
N LYS A 43 -8.63 -21.81 1.28
CA LYS A 43 -9.51 -22.12 0.13
C LYS A 43 -8.95 -21.71 -1.21
N LYS A 44 -8.99 -20.43 -1.53
CA LYS A 44 -8.14 -19.88 -2.60
C LYS A 44 -7.06 -19.26 -1.65
N SER A 45 -5.90 -19.92 -1.56
CA SER A 45 -4.74 -19.28 -0.94
C SER A 45 -3.45 -19.37 -1.77
N PHE A 46 -2.56 -18.40 -1.52
CA PHE A 46 -1.22 -18.33 -2.13
C PHE A 46 -0.26 -18.09 -0.98
N THR A 47 0.91 -18.73 -1.02
CA THR A 47 1.97 -18.47 -0.06
C THR A 47 2.96 -17.53 -0.76
N CYS A 48 3.43 -16.55 -0.01
CA CYS A 48 4.30 -15.46 -0.48
C CYS A 48 5.46 -15.31 0.48
N ILE A 49 6.64 -15.13 -0.09
CA ILE A 49 7.77 -14.54 0.63
C ILE A 49 7.74 -13.06 0.24
N ASP A 50 7.34 -12.23 1.18
CA ASP A 50 7.24 -10.83 0.94
C ASP A 50 8.62 -10.25 1.23
N MET A 51 9.21 -9.65 0.21
CA MET A 51 10.50 -9.04 0.34
C MET A 51 10.46 -7.59 -0.05
N HIS A 52 11.54 -6.85 0.26
CA HIS A 52 11.76 -5.59 -0.46
C HIS A 52 13.25 -5.49 -0.80
N THR A 53 13.55 -4.78 -1.87
CA THR A 53 14.90 -4.46 -2.27
C THR A 53 15.04 -2.96 -2.15
N GLU A 54 15.60 -2.54 -1.02
CA GLU A 54 15.91 -1.16 -0.73
C GLU A 54 14.65 -0.32 -0.86
N GLY A 55 13.55 -0.87 -0.32
CA GLY A 55 12.30 -0.14 -0.20
C GLY A 55 11.25 -0.50 -1.22
N GLU A 56 11.67 -1.15 -2.30
CA GLU A 56 10.77 -1.59 -3.34
C GLU A 56 10.31 -3.04 -3.10
N ALA A 57 9.01 -3.24 -3.12
CA ALA A 57 8.40 -4.50 -2.79
C ALA A 57 8.71 -5.52 -3.85
N ALA A 58 8.83 -6.74 -3.38
CA ALA A 58 9.00 -7.90 -4.23
C ALA A 58 8.23 -9.06 -3.54
N ARG A 59 6.95 -9.15 -3.84
CA ARG A 59 6.08 -10.22 -3.34
C ARG A 59 6.26 -11.44 -4.18
N ILE A 60 6.99 -12.41 -3.62
CA ILE A 60 7.32 -13.64 -4.33
C ILE A 60 6.34 -14.76 -4.00
N VAL A 61 5.49 -15.10 -4.97
CA VAL A 61 4.49 -16.11 -4.79
C VAL A 61 5.12 -17.48 -5.04
N THR A 62 5.18 -18.28 -3.98
CA THR A 62 5.87 -19.55 -4.00
C THR A 62 4.95 -20.76 -4.17
N SER A 63 3.67 -20.62 -3.85
CA SER A 63 2.71 -21.69 -4.06
C SER A 63 1.29 -21.11 -4.20
N GLY A 64 0.46 -21.86 -4.91
CA GLY A 64 -0.93 -21.54 -5.04
C GLY A 64 -1.40 -21.64 -6.47
N LEU A 65 -0.49 -21.50 -7.46
CA LEU A 65 -0.90 -21.59 -8.87
C LEU A 65 -1.26 -23.02 -9.31
N PRO A 66 -2.23 -23.16 -10.21
CA PRO A 66 -2.40 -24.44 -10.95
C PRO A 66 -1.28 -24.54 -11.96
N HIS A 67 -1.27 -25.61 -12.74
CA HIS A 67 -0.43 -25.66 -13.91
C HIS A 67 -0.74 -24.46 -14.83
N ILE A 68 0.30 -23.79 -15.32
CA ILE A 68 0.18 -22.73 -16.28
C ILE A 68 0.81 -23.23 -17.58
N PRO A 69 0.02 -23.47 -18.63
CA PRO A 69 0.62 -23.84 -19.92
C PRO A 69 1.65 -22.82 -20.46
N GLY A 70 2.63 -23.35 -21.16
CA GLY A 70 3.63 -22.57 -21.85
C GLY A 70 4.92 -23.36 -21.90
N SER A 71 5.60 -23.35 -23.05
CA SER A 71 6.84 -24.14 -23.18
C SER A 71 8.08 -23.31 -22.76
N ASN A 72 7.86 -22.04 -22.39
CA ASN A 72 8.92 -21.22 -21.83
C ASN A 72 8.29 -20.19 -20.95
N MET A 73 9.12 -19.42 -20.28
CA MET A 73 8.62 -18.47 -19.29
C MET A 73 7.81 -17.32 -19.89
N ALA A 74 8.22 -16.86 -21.07
CA ALA A 74 7.44 -15.89 -21.83
C ALA A 74 6.00 -16.36 -22.15
N GLU A 75 5.83 -17.62 -22.51
CA GLU A 75 4.49 -18.13 -22.78
C GLU A 75 3.68 -18.24 -21.53
N LYS A 76 4.32 -18.60 -20.44
CA LYS A 76 3.61 -18.73 -19.19
C LYS A 76 3.19 -17.38 -18.73
N LYS A 77 4.03 -16.34 -18.91
CA LYS A 77 3.63 -14.94 -18.68
C LYS A 77 2.40 -14.51 -19.49
N ALA A 78 2.45 -14.75 -20.80
CA ALA A 78 1.33 -14.47 -21.71
C ALA A 78 0.07 -15.24 -21.29
N TYR A 79 0.19 -16.49 -20.92
CA TYR A 79 -0.99 -17.26 -20.40
C TYR A 79 -1.63 -16.56 -19.19
N LEU A 80 -0.84 -16.21 -18.20
CA LEU A 80 -1.37 -15.49 -17.04
C LEU A 80 -2.06 -14.21 -17.45
N GLN A 81 -1.41 -13.41 -18.28
CA GLN A 81 -1.96 -12.15 -18.71
C GLN A 81 -3.25 -12.32 -19.47
N GLU A 82 -3.30 -13.32 -20.36
CA GLU A 82 -4.43 -13.47 -21.27
C GLU A 82 -5.64 -14.16 -20.58
N ASN A 83 -5.34 -15.07 -19.65
CA ASN A 83 -6.33 -15.97 -19.10
C ASN A 83 -6.61 -15.86 -17.62
N MET A 84 -5.62 -15.38 -16.85
CA MET A 84 -5.75 -15.34 -15.39
C MET A 84 -5.28 -14.02 -14.77
N ASP A 85 -5.67 -12.93 -15.39
CA ASP A 85 -5.12 -11.64 -14.99
C ASP A 85 -5.64 -11.17 -13.66
N TYR A 86 -6.81 -11.68 -13.28
CA TYR A 86 -7.42 -11.38 -11.97
C TYR A 86 -6.52 -11.77 -10.75
N LEU A 87 -5.65 -12.75 -10.95
CA LEU A 87 -4.70 -13.18 -9.95
C LEU A 87 -3.72 -12.06 -9.62
N ARG A 88 -3.03 -11.57 -10.65
CA ARG A 88 -2.14 -10.41 -10.52
C ARG A 88 -2.87 -9.29 -9.78
N ARG A 89 -4.08 -8.98 -10.22
CA ARG A 89 -4.81 -7.88 -9.61
C ARG A 89 -5.11 -8.12 -8.14
N GLY A 90 -5.50 -9.33 -7.77
CA GLY A 90 -5.78 -9.62 -6.35
C GLY A 90 -4.56 -9.64 -5.44
N ILE A 91 -3.41 -10.00 -6.01
CA ILE A 91 -2.18 -10.14 -5.28
C ILE A 91 -1.46 -8.77 -5.19
N MET A 92 -1.56 -7.97 -6.24
CA MET A 92 -0.86 -6.72 -6.32
C MET A 92 -1.64 -5.57 -5.72
N LEU A 93 -2.96 -5.53 -5.90
CA LEU A 93 -3.71 -4.34 -5.58
C LEU A 93 -4.33 -4.43 -4.19
N GLU A 94 -4.75 -3.26 -3.67
CA GLU A 94 -5.54 -3.22 -2.44
C GLU A 94 -6.73 -4.18 -2.58
N PRO A 95 -7.22 -4.75 -1.46
CA PRO A 95 -6.66 -4.49 -0.12
C PRO A 95 -5.38 -5.29 0.27
N ARG A 96 -4.99 -6.32 -0.49
CA ARG A 96 -3.87 -7.18 -0.12
C ARG A 96 -2.52 -6.55 -0.50
N GLY A 97 -2.55 -5.67 -1.48
CA GLY A 97 -1.36 -4.98 -1.96
C GLY A 97 -1.65 -3.49 -1.97
N HIS A 98 -1.16 -2.79 -2.99
CA HIS A 98 -1.35 -1.34 -3.05
C HIS A 98 -0.81 -0.82 -4.36
N ASP A 99 -0.96 0.49 -4.57
CA ASP A 99 -0.71 1.08 -5.85
C ASP A 99 0.75 1.03 -6.32
N ASP A 100 1.68 0.70 -5.41
CA ASP A 100 3.11 0.64 -5.74
C ASP A 100 3.71 -0.73 -5.42
N MET A 101 2.82 -1.75 -5.32
CA MET A 101 3.22 -3.11 -5.12
C MET A 101 3.85 -3.71 -6.40
N PHE A 102 4.74 -4.66 -6.17
CA PHE A 102 5.40 -5.42 -7.24
C PHE A 102 5.62 -6.84 -6.79
N GLY A 103 5.62 -7.78 -7.71
CA GLY A 103 5.91 -9.16 -7.29
C GLY A 103 6.21 -10.08 -8.42
N ALA A 104 6.24 -11.38 -8.13
CA ALA A 104 6.55 -12.40 -9.12
C ALA A 104 5.94 -13.74 -8.70
N PHE A 105 5.66 -14.54 -9.71
CA PHE A 105 5.33 -15.97 -9.52
C PHE A 105 6.57 -16.80 -9.83
N LEU A 106 6.88 -17.72 -8.94
CA LEU A 106 7.89 -18.71 -9.17
C LEU A 106 7.36 -19.95 -9.87
N PHE A 107 8.21 -20.55 -10.70
CA PHE A 107 7.93 -21.80 -11.39
C PHE A 107 9.16 -22.69 -11.37
N ASP A 108 8.97 -23.99 -11.68
CA ASP A 108 10.10 -24.82 -12.03
C ASP A 108 10.86 -24.19 -13.24
N PRO A 109 12.19 -24.31 -13.26
CA PRO A 109 13.00 -23.78 -14.36
C PRO A 109 12.67 -24.62 -15.59
N ILE A 110 12.67 -23.99 -16.76
CA ILE A 110 12.54 -24.70 -18.02
C ILE A 110 13.89 -24.71 -18.71
N GLU A 111 14.54 -23.56 -18.86
CA GLU A 111 15.80 -23.51 -19.57
C GLU A 111 16.90 -24.28 -18.83
N GLU A 112 17.77 -24.91 -19.63
CA GLU A 112 18.89 -25.67 -19.11
C GLU A 112 19.81 -24.75 -18.35
N GLY A 113 20.18 -25.15 -17.14
CA GLY A 113 21.07 -24.33 -16.30
C GLY A 113 20.39 -23.48 -15.23
N ALA A 114 19.07 -23.28 -15.34
CA ALA A 114 18.37 -22.41 -14.43
C ALA A 114 17.94 -23.17 -13.19
N ASP A 115 17.90 -22.45 -12.07
CA ASP A 115 17.44 -22.98 -10.81
C ASP A 115 15.95 -22.74 -10.62
N LEU A 116 15.46 -21.62 -11.16
CA LEU A 116 14.11 -21.19 -10.90
C LEU A 116 13.58 -20.45 -12.08
N GLY A 117 12.32 -20.68 -12.38
CA GLY A 117 11.58 -19.88 -13.31
C GLY A 117 10.84 -18.81 -12.55
N ILE A 118 10.71 -17.66 -13.19
CA ILE A 118 10.08 -16.49 -12.59
C ILE A 118 9.32 -15.64 -13.60
N VAL A 119 8.12 -15.24 -13.22
CA VAL A 119 7.33 -14.29 -14.03
C VAL A 119 7.03 -13.12 -13.08
N PHE A 120 7.36 -11.92 -13.53
CA PHE A 120 7.19 -10.67 -12.80
C PHE A 120 5.80 -10.03 -13.08
N MET A 121 5.28 -9.36 -12.10
CA MET A 121 4.04 -8.65 -12.19
C MET A 121 4.07 -7.34 -11.39
N ASP A 122 3.16 -6.44 -11.74
CA ASP A 122 3.04 -5.13 -11.09
C ASP A 122 1.59 -4.68 -11.21
N THR A 123 1.32 -3.41 -10.90
CA THR A 123 -0.09 -2.94 -10.87
C THR A 123 -0.73 -2.76 -12.22
N GLY A 124 0.04 -2.80 -13.28
CA GLY A 124 -0.53 -2.65 -14.61
C GLY A 124 -0.28 -3.86 -15.48
N GLY A 125 0.80 -4.60 -15.29
CA GLY A 125 1.06 -5.76 -16.18
C GLY A 125 2.21 -6.63 -15.74
N TYR A 126 3.02 -7.09 -16.68
CA TYR A 126 4.04 -8.11 -16.47
C TYR A 126 5.30 -7.65 -17.18
N LEU A 127 6.31 -7.24 -16.42
CA LEU A 127 7.56 -6.85 -17.08
C LEU A 127 8.36 -8.11 -17.50
N ASN A 128 9.09 -8.00 -18.61
CA ASN A 128 9.92 -9.12 -19.05
C ASN A 128 11.08 -9.42 -18.14
N MET A 129 11.58 -8.41 -17.46
CA MET A 129 12.62 -8.61 -16.44
C MET A 129 12.48 -7.55 -15.32
N CYS A 130 13.11 -7.81 -14.19
CA CYS A 130 13.12 -6.89 -13.04
C CYS A 130 14.33 -7.17 -12.21
N GLY A 131 15.21 -6.18 -12.12
CA GLY A 131 16.42 -6.33 -11.40
C GLY A 131 16.21 -6.42 -9.91
N HIS A 132 15.38 -5.55 -9.34
CA HIS A 132 15.23 -5.52 -7.88
C HIS A 132 14.57 -6.82 -7.42
N ASN A 133 13.64 -7.36 -8.21
CA ASN A 133 12.95 -8.61 -7.83
C ASN A 133 13.81 -9.80 -8.13
N SER A 134 14.72 -9.68 -9.10
CA SER A 134 15.69 -10.74 -9.32
C SER A 134 16.65 -10.84 -8.15
N ILE A 135 17.14 -9.70 -7.72
CA ILE A 135 17.98 -9.61 -6.54
C ILE A 135 17.25 -10.22 -5.33
N ALA A 136 15.98 -9.89 -5.15
CA ALA A 136 15.21 -10.46 -4.05
C ALA A 136 15.06 -11.98 -4.18
N ALA A 137 14.79 -12.47 -5.39
CA ALA A 137 14.62 -13.91 -5.61
C ALA A 137 15.89 -14.72 -5.36
N VAL A 138 17.02 -14.17 -5.76
CA VAL A 138 18.30 -14.82 -5.52
C VAL A 138 18.54 -14.96 -4.02
N THR A 139 18.25 -13.85 -3.30
CA THR A 139 18.38 -13.77 -1.88
C THR A 139 17.46 -14.80 -1.18
N ALA A 140 16.17 -14.81 -1.55
CA ALA A 140 15.22 -15.72 -0.93
C ALA A 140 15.56 -17.19 -1.22
N ALA A 141 16.03 -17.49 -2.45
CA ALA A 141 16.39 -18.85 -2.81
C ALA A 141 17.43 -19.45 -1.85
N VAL A 142 18.40 -18.64 -1.45
CA VAL A 142 19.43 -19.05 -0.53
C VAL A 142 18.94 -19.00 0.93
N GLU A 143 18.31 -17.90 1.32
CA GLU A 143 17.83 -17.74 2.71
C GLU A 143 16.81 -18.80 3.10
N THR A 144 15.94 -19.18 2.17
CA THR A 144 14.92 -20.17 2.48
C THR A 144 15.27 -21.59 2.05
N GLY A 145 16.42 -21.81 1.44
CA GLY A 145 16.83 -23.17 1.13
C GLY A 145 16.37 -23.74 -0.18
N ILE A 146 15.79 -22.91 -1.06
CA ILE A 146 15.42 -23.39 -2.40
C ILE A 146 16.66 -23.91 -3.12
N VAL A 147 17.77 -23.21 -2.95
CA VAL A 147 19.02 -23.56 -3.58
C VAL A 147 19.98 -23.84 -2.43
N SER A 148 20.73 -24.93 -2.56
CA SER A 148 21.71 -25.31 -1.54
C SER A 148 22.98 -24.50 -1.56
N VAL A 149 23.53 -24.35 -0.36
CA VAL A 149 24.82 -23.72 -0.13
C VAL A 149 25.86 -24.84 0.04
N PRO A 150 26.81 -24.95 -0.88
CA PRO A 150 27.94 -25.88 -0.68
C PRO A 150 28.77 -25.54 0.56
N ALA A 151 29.28 -26.58 1.22
CA ALA A 151 30.06 -26.39 2.42
C ALA A 151 31.17 -25.37 2.17
N LYS A 152 31.27 -24.41 3.08
CA LYS A 152 32.28 -23.35 2.99
C LYS A 152 32.16 -22.42 1.76
N ALA A 153 31.00 -22.38 1.10
CA ALA A 153 30.83 -21.42 -0.01
C ALA A 153 30.85 -20.02 0.55
N THR A 154 31.36 -19.09 -0.25
CA THR A 154 31.34 -17.68 0.04
C THR A 154 30.26 -16.99 -0.82
N ASN A 155 30.08 -17.52 -2.03
CA ASN A 155 29.10 -17.04 -3.00
C ASN A 155 28.30 -18.25 -3.45
N VAL A 156 27.01 -18.04 -3.73
CA VAL A 156 26.15 -19.08 -4.22
C VAL A 156 25.45 -18.64 -5.50
N PRO A 157 25.67 -19.33 -6.62
CA PRO A 157 24.97 -19.04 -7.84
C PRO A 157 23.47 -19.37 -7.77
N VAL A 158 22.65 -18.48 -8.29
CA VAL A 158 21.24 -18.75 -8.48
C VAL A 158 20.85 -18.21 -9.85
N VAL A 159 20.48 -19.10 -10.76
CA VAL A 159 20.18 -18.73 -12.15
C VAL A 159 18.68 -18.67 -12.37
N LEU A 160 18.17 -17.50 -12.81
CA LEU A 160 16.74 -17.27 -13.04
C LEU A 160 16.40 -17.39 -14.52
N ASP A 161 15.34 -18.16 -14.78
CA ASP A 161 14.77 -18.32 -16.12
C ASP A 161 13.58 -17.36 -16.19
N THR A 162 13.78 -16.24 -16.90
CA THR A 162 12.82 -15.13 -16.97
C THR A 162 12.31 -14.96 -18.41
N PRO A 163 11.22 -14.21 -18.59
CA PRO A 163 10.71 -13.95 -19.94
C PRO A 163 11.66 -13.21 -20.88
N ALA A 164 12.65 -12.55 -20.32
CA ALA A 164 13.63 -11.90 -21.14
C ALA A 164 14.87 -12.76 -21.39
N GLY A 165 14.97 -13.93 -20.78
CA GLY A 165 16.21 -14.72 -20.87
C GLY A 165 16.78 -15.03 -19.51
N LEU A 166 17.95 -15.65 -19.52
CA LEU A 166 18.58 -16.21 -18.32
C LEU A 166 19.36 -15.14 -17.62
N VAL A 167 19.13 -15.05 -16.32
CA VAL A 167 19.72 -14.02 -15.50
C VAL A 167 20.50 -14.78 -14.44
N ARG A 168 21.81 -14.58 -14.46
CA ARG A 168 22.75 -15.28 -13.62
C ARG A 168 23.08 -14.51 -12.36
N GLY A 169 22.52 -15.02 -11.26
CA GLY A 169 22.65 -14.37 -10.00
C GLY A 169 23.63 -15.01 -9.09
N THR A 170 24.12 -14.20 -8.15
CA THR A 170 24.99 -14.64 -7.11
C THR A 170 24.59 -14.02 -5.79
N ALA A 171 24.40 -14.88 -4.78
CA ALA A 171 24.18 -14.44 -3.43
C ALA A 171 25.52 -14.44 -2.75
N HIS A 172 25.90 -13.30 -2.21
CA HIS A 172 27.17 -13.12 -1.50
C HIS A 172 26.89 -13.32 -0.04
N LEU A 173 27.51 -14.35 0.53
CA LEU A 173 27.17 -14.80 1.89
C LEU A 173 27.79 -13.92 2.95
N GLN A 174 27.06 -13.78 4.05
CA GLN A 174 27.59 -13.11 5.22
C GLN A 174 28.72 -13.97 5.84
N SER A 175 29.90 -13.36 6.00
CA SER A 175 31.10 -13.98 6.57
C SER A 175 31.05 -15.27 7.39
N GLY A 176 30.29 -15.29 8.48
CA GLY A 176 30.43 -16.41 9.44
C GLY A 176 29.18 -17.29 9.52
N THR A 177 28.49 -17.43 8.41
CA THR A 177 27.14 -17.99 8.44
C THR A 177 27.00 -19.11 7.44
N GLU A 178 25.87 -19.81 7.55
CA GLU A 178 25.48 -20.91 6.67
C GLU A 178 24.86 -20.37 5.39
N SER A 179 23.76 -19.64 5.55
CA SER A 179 22.95 -19.19 4.41
C SER A 179 22.43 -17.76 4.54
N GLU A 180 23.14 -16.93 5.34
CA GLU A 180 22.76 -15.55 5.53
C GLU A 180 23.39 -14.74 4.41
N VAL A 181 22.55 -13.97 3.74
CA VAL A 181 22.96 -13.26 2.54
C VAL A 181 23.28 -11.83 2.88
N SER A 182 24.48 -11.42 2.51
CA SER A 182 24.91 -10.05 2.71
C SER A 182 24.34 -9.15 1.64
N ASN A 183 24.41 -9.59 0.39
CA ASN A 183 23.81 -8.85 -0.72
C ASN A 183 23.83 -9.74 -1.93
N ALA A 184 23.30 -9.26 -3.06
CA ALA A 184 23.22 -10.11 -4.21
C ALA A 184 23.46 -9.34 -5.48
N SER A 185 24.05 -10.04 -6.46
CA SER A 185 24.36 -9.53 -7.77
C SER A 185 23.62 -10.35 -8.84
N ILE A 186 23.26 -9.69 -9.93
CA ILE A 186 22.72 -10.32 -11.11
C ILE A 186 23.49 -9.86 -12.30
N ILE A 187 23.83 -10.82 -13.14
CA ILE A 187 24.23 -10.51 -14.52
C ILE A 187 23.03 -10.54 -15.41
N ASN A 188 22.69 -9.37 -15.94
CA ASN A 188 21.45 -9.16 -16.64
C ASN A 188 21.58 -9.82 -18.00
N VAL A 189 20.45 -9.97 -18.68
CA VAL A 189 20.46 -10.29 -20.10
C VAL A 189 21.08 -9.10 -20.87
N PRO A 190 21.51 -9.34 -22.10
CA PRO A 190 22.17 -8.24 -22.88
C PRO A 190 21.31 -6.99 -22.95
N SER A 191 21.96 -5.85 -22.72
CA SER A 191 21.34 -4.57 -22.73
C SER A 191 21.94 -3.84 -23.90
N PHE A 192 21.20 -2.87 -24.44
CA PHE A 192 21.68 -2.07 -25.54
C PHE A 192 20.91 -0.75 -25.66
N LEU A 193 21.63 0.31 -26.00
CA LEU A 193 20.98 1.49 -26.56
C LEU A 193 20.27 1.08 -27.90
N TYR A 194 19.04 1.58 -28.11
CA TYR A 194 18.23 1.24 -29.25
C TYR A 194 18.07 2.38 -30.26
N GLN A 195 17.76 3.56 -29.74
CA GLN A 195 17.46 4.73 -30.55
C GLN A 195 17.68 5.98 -29.72
N GLN A 196 18.37 6.95 -30.32
CA GLN A 196 18.76 8.19 -29.65
C GLN A 196 17.95 9.40 -30.10
N ASP A 197 17.85 10.38 -29.20
CA ASP A 197 17.33 11.70 -29.50
C ASP A 197 15.96 11.62 -30.14
N VAL A 198 15.12 10.75 -29.62
CA VAL A 198 13.76 10.62 -30.12
C VAL A 198 12.93 11.82 -29.57
N VAL A 199 12.35 12.62 -30.46
CA VAL A 199 11.50 13.72 -29.98
C VAL A 199 10.09 13.22 -29.76
N VAL A 200 9.58 13.43 -28.55
CA VAL A 200 8.24 12.97 -28.17
C VAL A 200 7.45 14.22 -27.88
N VAL A 201 6.29 14.37 -28.52
CA VAL A 201 5.45 15.52 -28.29
C VAL A 201 4.40 15.19 -27.24
N LEU A 202 4.56 15.77 -26.05
CA LEU A 202 3.60 15.67 -24.95
C LEU A 202 2.78 16.99 -24.83
N PRO A 203 1.60 16.92 -24.22
CA PRO A 203 0.82 18.14 -23.96
C PRO A 203 1.52 19.06 -22.95
N LYS A 204 1.08 20.32 -22.89
CA LYS A 204 1.46 21.25 -21.80
C LYS A 204 1.20 20.56 -20.45
N PRO A 205 1.98 20.83 -19.41
CA PRO A 205 3.15 21.73 -19.43
C PRO A 205 4.46 21.18 -20.01
N TYR A 206 4.42 20.00 -20.60
CA TYR A 206 5.66 19.32 -20.95
C TYR A 206 6.13 19.61 -22.38
N GLY A 207 5.22 19.60 -23.36
CA GLY A 207 5.60 19.89 -24.73
C GLY A 207 6.56 18.85 -25.29
N GLU A 208 7.47 19.30 -26.13
CA GLU A 208 8.42 18.43 -26.79
C GLU A 208 9.49 18.03 -25.80
N VAL A 209 9.86 16.75 -25.86
CA VAL A 209 10.86 16.19 -24.96
C VAL A 209 11.70 15.27 -25.81
N ARG A 210 13.00 15.23 -25.55
CA ARG A 210 13.94 14.38 -26.27
C ARG A 210 14.43 13.24 -25.35
N VAL A 211 14.33 11.99 -25.82
CA VAL A 211 14.67 10.81 -25.04
C VAL A 211 15.51 9.81 -25.80
N ASP A 212 16.15 8.91 -25.06
CA ASP A 212 16.77 7.75 -25.65
C ASP A 212 15.90 6.54 -25.32
N ILE A 213 15.91 5.58 -26.24
CA ILE A 213 15.27 4.31 -25.98
C ILE A 213 16.37 3.30 -25.81
N ALA A 214 16.34 2.56 -24.71
CA ALA A 214 17.35 1.53 -24.46
C ALA A 214 16.72 0.32 -23.85
N PHE A 215 17.35 -0.84 -24.08
CA PHE A 215 16.87 -2.08 -23.52
C PHE A 215 17.77 -2.50 -22.36
N GLY A 216 17.17 -2.76 -21.21
CA GLY A 216 17.89 -3.29 -20.04
C GLY A 216 17.19 -4.50 -19.43
N GLY A 217 16.42 -5.23 -20.22
CA GLY A 217 15.58 -6.35 -19.76
C GLY A 217 14.14 -6.00 -20.00
N ASN A 218 13.87 -4.70 -19.94
CA ASN A 218 12.68 -4.03 -20.51
C ASN A 218 13.17 -2.91 -21.40
N PHE A 219 12.34 -2.48 -22.37
CA PHE A 219 12.55 -1.23 -23.05
C PHE A 219 12.19 -0.04 -22.18
N PHE A 220 13.13 0.89 -22.11
CA PHE A 220 13.01 2.13 -21.37
C PHE A 220 13.04 3.31 -22.30
N ALA A 221 12.27 4.34 -22.01
CA ALA A 221 12.58 5.71 -22.50
C ALA A 221 13.35 6.38 -21.36
N ILE A 222 14.53 6.89 -21.65
CA ILE A 222 15.37 7.57 -20.68
C ILE A 222 15.35 9.06 -20.95
N VAL A 223 15.00 9.88 -19.95
CA VAL A 223 14.73 11.33 -20.11
C VAL A 223 15.28 12.11 -18.90
N PRO A 224 16.01 13.20 -19.12
CA PRO A 224 16.42 14.02 -18.00
C PRO A 224 15.20 14.68 -17.35
N ALA A 225 15.13 14.69 -16.04
CA ALA A 225 14.04 15.40 -15.37
C ALA A 225 13.98 16.89 -15.79
N GLU A 226 15.16 17.47 -16.05
CA GLU A 226 15.29 18.90 -16.49
C GLU A 226 14.39 19.18 -17.70
N GLN A 227 14.27 18.23 -18.60
CA GLN A 227 13.43 18.42 -19.79
C GLN A 227 11.92 18.48 -19.48
N LEU A 228 11.50 17.95 -18.33
CA LEU A 228 10.11 17.90 -17.95
C LEU A 228 9.76 19.12 -17.13
N GLY A 229 10.78 19.89 -16.74
CA GLY A 229 10.61 21.08 -15.90
C GLY A 229 10.34 20.81 -14.44
N ILE A 230 10.58 19.56 -14.01
CA ILE A 230 10.47 19.19 -12.61
C ILE A 230 11.64 18.35 -12.15
N ASP A 231 12.06 18.58 -10.92
CA ASP A 231 13.16 17.84 -10.31
C ASP A 231 12.62 16.62 -9.61
N ILE A 232 13.49 15.66 -9.37
CA ILE A 232 13.10 14.41 -8.75
C ILE A 232 12.96 14.62 -7.23
N SER A 233 11.75 14.58 -6.71
CA SER A 233 11.51 14.76 -5.29
C SER A 233 10.12 14.22 -4.99
N VAL A 234 9.83 13.98 -3.71
CA VAL A 234 8.49 13.52 -3.30
C VAL A 234 7.41 14.55 -3.58
N GLN A 235 7.80 15.82 -3.53
CA GLN A 235 6.93 16.90 -3.84
C GLN A 235 6.44 16.75 -5.27
N ASN A 236 7.33 16.30 -6.15
CA ASN A 236 6.97 16.19 -7.57
C ASN A 236 6.52 14.79 -8.03
N LEU A 237 6.37 13.88 -7.09
CA LEU A 237 6.20 12.50 -7.46
C LEU A 237 4.93 12.26 -8.31
N SER A 238 3.80 12.88 -7.94
CA SER A 238 2.57 12.73 -8.72
C SER A 238 2.72 13.28 -10.15
N ARG A 239 3.48 14.34 -10.33
CA ARG A 239 3.74 14.89 -11.66
C ARG A 239 4.73 14.04 -12.45
N LEU A 240 5.71 13.47 -11.76
CA LEU A 240 6.65 12.55 -12.41
C LEU A 240 5.87 11.33 -12.91
N GLN A 241 4.98 10.80 -12.09
CA GLN A 241 4.11 9.70 -12.50
C GLN A 241 3.33 10.05 -13.73
N GLU A 242 2.69 11.21 -13.67
CA GLU A 242 1.88 11.65 -14.78
C GLU A 242 2.73 11.81 -16.00
N ALA A 243 3.84 12.54 -15.88
CA ALA A 243 4.76 12.70 -17.02
C ALA A 243 5.28 11.38 -17.63
N GLY A 244 5.54 10.38 -16.78
CA GLY A 244 5.98 9.07 -17.23
C GLY A 244 4.90 8.32 -17.98
N GLU A 245 3.65 8.39 -17.53
CA GLU A 245 2.54 7.76 -18.24
C GLU A 245 2.37 8.44 -19.62
N LEU A 246 2.35 9.77 -19.65
CA LEU A 246 2.19 10.51 -20.91
C LEU A 246 3.24 10.11 -21.91
N LEU A 247 4.47 10.06 -21.42
CA LEU A 247 5.61 9.72 -22.25
C LEU A 247 5.55 8.31 -22.80
N ARG A 248 5.22 7.35 -21.96
CA ARG A 248 5.12 5.96 -22.40
C ARG A 248 4.04 5.74 -23.49
N THR A 249 2.88 6.31 -23.20
CA THR A 249 1.72 6.24 -24.09
C THR A 249 2.08 6.78 -25.42
N GLU A 250 2.58 8.01 -25.42
CA GLU A 250 2.94 8.67 -26.67
C GLU A 250 4.04 7.95 -27.44
N ILE A 251 5.11 7.49 -26.78
CA ILE A 251 6.18 6.83 -27.57
C ILE A 251 5.73 5.49 -28.12
N ASN A 252 4.83 4.81 -27.44
CA ASN A 252 4.35 3.54 -27.98
C ASN A 252 3.39 3.73 -29.16
N ARG A 253 2.80 4.93 -29.25
CA ARG A 253 1.92 5.32 -30.36
C ARG A 253 2.78 5.63 -31.58
N SER A 254 3.86 6.36 -31.35
CA SER A 254 4.57 7.05 -32.36
C SER A 254 5.85 6.37 -32.79
N VAL A 255 6.36 5.44 -31.97
CA VAL A 255 7.64 4.77 -32.23
C VAL A 255 7.46 3.31 -31.96
N LYS A 256 7.67 2.47 -32.97
CA LYS A 256 7.51 1.04 -32.77
C LYS A 256 8.92 0.48 -32.54
N VAL A 257 9.08 -0.22 -31.43
CA VAL A 257 10.34 -0.79 -31.03
C VAL A 257 10.21 -2.30 -31.18
N GLN A 258 11.32 -2.96 -31.36
CA GLN A 258 11.32 -4.41 -31.55
C GLN A 258 12.68 -4.93 -31.11
N HIS A 259 12.69 -5.73 -30.05
CA HIS A 259 13.90 -6.39 -29.64
C HIS A 259 14.29 -7.31 -30.79
N PRO A 260 15.50 -7.17 -31.30
CA PRO A 260 15.90 -7.94 -32.48
C PRO A 260 16.12 -9.44 -32.19
N GLN A 261 16.20 -9.89 -30.93
CA GLN A 261 16.39 -11.33 -30.68
C GLN A 261 15.16 -12.02 -30.06
N LEU A 262 14.25 -11.23 -29.48
CA LEU A 262 13.06 -11.74 -28.81
C LEU A 262 11.85 -11.08 -29.39
N PRO A 263 11.12 -11.75 -30.31
CA PRO A 263 9.96 -11.14 -30.97
C PRO A 263 8.88 -10.60 -30.06
N HIS A 264 8.66 -11.28 -28.95
CA HIS A 264 7.57 -10.88 -28.02
C HIS A 264 7.81 -9.53 -27.31
N ILE A 265 9.03 -9.00 -27.39
CA ILE A 265 9.35 -7.72 -26.77
C ILE A 265 9.32 -6.56 -27.78
N ASN A 266 8.21 -5.83 -27.76
CA ASN A 266 7.91 -4.84 -28.82
C ASN A 266 7.17 -3.59 -28.34
N THR A 267 7.29 -3.30 -27.02
CA THR A 267 6.77 -2.06 -26.42
C THR A 267 7.77 -1.49 -25.45
N VAL A 268 7.63 -0.20 -25.20
CA VAL A 268 8.33 0.47 -24.15
C VAL A 268 7.44 0.48 -22.89
N ASP A 269 7.93 -0.20 -21.85
CA ASP A 269 7.14 -0.49 -20.65
C ASP A 269 7.52 0.40 -19.44
N CYS A 270 8.69 1.04 -19.49
CA CYS A 270 9.23 1.83 -18.39
C CYS A 270 9.76 3.18 -18.87
N VAL A 271 9.63 4.18 -18.01
CA VAL A 271 10.20 5.54 -18.25
C VAL A 271 11.14 5.85 -17.09
N GLU A 272 12.40 6.12 -17.39
CA GLU A 272 13.45 6.42 -16.41
C GLU A 272 13.75 7.89 -16.49
N ILE A 273 13.44 8.60 -15.41
CA ILE A 273 13.62 10.03 -15.36
C ILE A 273 14.81 10.26 -14.47
N TYR A 274 15.86 10.93 -14.98
CA TYR A 274 17.08 11.03 -14.18
C TYR A 274 17.54 12.46 -13.99
N GLY A 275 18.38 12.62 -12.99
CA GLY A 275 19.02 13.89 -12.72
C GLY A 275 20.19 13.76 -11.77
N PRO A 276 20.66 14.89 -11.26
CA PRO A 276 21.86 14.91 -10.44
C PRO A 276 21.66 14.16 -9.13
N PRO A 277 22.71 13.56 -8.59
CA PRO A 277 22.59 12.79 -7.36
C PRO A 277 22.44 13.66 -6.13
N THR A 278 21.91 13.10 -5.06
CA THR A 278 21.89 13.73 -3.74
C THR A 278 23.00 13.14 -2.92
N ASN A 279 23.09 11.81 -2.90
CA ASN A 279 24.19 11.10 -2.27
C ASN A 279 25.49 11.27 -3.11
N PRO A 280 26.55 11.85 -2.51
CA PRO A 280 27.82 11.99 -3.22
C PRO A 280 28.49 10.67 -3.66
N GLU A 281 28.08 9.52 -3.11
CA GLU A 281 28.55 8.22 -3.63
C GLU A 281 27.96 7.87 -5.00
N ALA A 282 26.87 8.53 -5.39
CA ALA A 282 26.11 8.20 -6.59
C ALA A 282 26.47 9.07 -7.76
N ASN A 283 26.40 8.50 -8.96
CA ASN A 283 26.66 9.22 -10.18
C ASN A 283 25.45 10.08 -10.60
N TYR A 284 24.25 9.51 -10.44
CA TYR A 284 22.97 10.14 -10.75
C TYR A 284 21.89 9.57 -9.85
N LYS A 285 20.75 10.23 -9.87
CA LYS A 285 19.51 9.81 -9.21
C LYS A 285 18.51 9.53 -10.27
N ASN A 286 17.60 8.58 -10.02
CA ASN A 286 16.50 8.45 -10.93
C ASN A 286 15.22 7.97 -10.27
N VAL A 287 14.13 8.17 -11.01
CA VAL A 287 12.88 7.47 -10.69
C VAL A 287 12.35 6.86 -11.98
N VAL A 288 11.91 5.62 -11.87
CA VAL A 288 11.31 4.89 -12.99
C VAL A 288 9.77 4.80 -12.73
N ILE A 289 9.02 5.18 -13.76
CA ILE A 289 7.58 5.08 -13.80
C ILE A 289 7.18 3.96 -14.76
N PHE A 290 6.32 3.07 -14.26
CA PHE A 290 5.90 1.88 -14.97
C PHE A 290 4.58 1.39 -14.40
N GLY A 291 4.12 0.24 -14.88
CA GLY A 291 2.85 -0.34 -14.38
C GLY A 291 1.69 0.61 -14.54
N ASN A 292 0.78 0.69 -13.58
CA ASN A 292 -0.28 1.74 -13.61
C ASN A 292 0.25 3.03 -12.94
N ARG A 293 1.13 3.70 -13.70
CA ARG A 293 1.99 4.76 -13.23
C ARG A 293 2.38 4.70 -11.75
N GLN A 294 2.94 3.56 -11.38
CA GLN A 294 3.63 3.40 -10.14
C GLN A 294 5.10 3.84 -10.32
N ALA A 295 5.79 4.05 -9.22
CA ALA A 295 7.19 4.51 -9.20
C ALA A 295 8.02 3.51 -8.44
N ASP A 296 9.20 3.22 -8.96
CA ASP A 296 10.14 2.37 -8.33
C ASP A 296 10.75 3.17 -7.21
N ARG A 297 10.70 2.61 -6.00
CA ARG A 297 11.43 3.13 -4.84
C ARG A 297 12.92 2.75 -4.84
N SER A 298 13.29 1.66 -5.52
CA SER A 298 14.70 1.27 -5.76
C SER A 298 15.27 2.06 -6.93
N PRO A 299 16.61 2.02 -7.11
CA PRO A 299 17.24 2.65 -8.27
C PRO A 299 16.91 1.99 -9.63
N CYS A 300 16.24 0.82 -9.61
CA CYS A 300 15.73 0.08 -10.77
C CYS A 300 16.88 -0.65 -11.47
N GLY A 301 16.90 -1.97 -11.40
CA GLY A 301 18.01 -2.74 -11.90
C GLY A 301 18.04 -2.79 -13.41
N THR A 302 16.87 -3.01 -14.05
CA THR A 302 16.83 -3.01 -15.50
C THR A 302 17.09 -1.58 -15.99
N GLY A 303 16.61 -0.58 -15.27
CA GLY A 303 16.85 0.77 -15.69
C GLY A 303 18.28 1.22 -15.51
N THR A 304 18.95 0.66 -14.50
CA THR A 304 20.34 0.89 -14.30
C THR A 304 21.12 0.21 -15.46
N SER A 305 20.69 -1.00 -15.86
CA SER A 305 21.34 -1.68 -16.98
C SER A 305 21.17 -0.91 -18.27
N ALA A 306 19.98 -0.36 -18.49
CA ALA A 306 19.74 0.42 -19.72
C ALA A 306 20.54 1.69 -19.72
N LYS A 307 20.63 2.34 -18.55
CA LYS A 307 21.47 3.55 -18.41
C LYS A 307 22.96 3.31 -18.67
N MET A 308 23.50 2.25 -18.08
CA MET A 308 24.86 1.85 -18.28
C MET A 308 25.13 1.50 -19.72
N ALA A 309 24.18 0.83 -20.40
CA ALA A 309 24.37 0.51 -21.82
C ALA A 309 24.43 1.79 -22.64
N THR A 310 23.60 2.75 -22.28
CA THR A 310 23.56 4.01 -22.97
C THR A 310 24.88 4.78 -22.76
N LEU A 311 25.30 4.89 -21.52
CA LEU A 311 26.55 5.56 -21.21
C LEU A 311 27.78 4.89 -21.88
N TYR A 312 27.80 3.57 -21.83
CA TYR A 312 28.83 2.78 -22.47
C TYR A 312 28.89 2.98 -23.97
N ALA A 313 27.74 3.02 -24.61
CA ALA A 313 27.66 3.32 -26.04
C ALA A 313 28.25 4.72 -26.37
N LYS A 314 28.05 5.68 -25.46
CA LYS A 314 28.57 7.07 -25.61
C LYS A 314 30.03 7.26 -25.11
N GLY A 315 30.71 6.16 -24.81
CA GLY A 315 32.07 6.18 -24.36
C GLY A 315 32.33 6.65 -22.95
N GLN A 316 31.32 6.61 -22.07
CA GLN A 316 31.42 7.25 -20.74
C GLN A 316 31.57 6.24 -19.60
N LEU A 317 31.65 4.96 -19.93
CA LEU A 317 31.87 4.00 -18.91
C LEU A 317 32.78 2.94 -19.46
N ARG A 318 33.79 2.50 -18.71
CA ARG A 318 34.61 1.41 -19.24
C ARG A 318 34.23 0.12 -18.58
N ILE A 319 34.67 -0.97 -19.17
CA ILE A 319 34.44 -2.27 -18.59
C ILE A 319 35.00 -2.30 -17.14
N GLY A 320 34.22 -2.80 -16.22
CA GLY A 320 34.64 -2.94 -14.85
C GLY A 320 34.41 -1.71 -13.99
N GLU A 321 34.11 -0.59 -14.60
CA GLU A 321 33.90 0.66 -13.89
C GLU A 321 32.57 0.64 -13.10
N THR A 322 32.62 1.02 -11.85
CA THR A 322 31.40 1.00 -11.03
C THR A 322 30.61 2.27 -11.31
N PHE A 323 29.34 2.09 -11.62
CA PHE A 323 28.35 3.13 -11.73
C PHE A 323 27.39 2.97 -10.53
N VAL A 324 27.02 4.09 -9.89
CA VAL A 324 26.18 4.04 -8.70
C VAL A 324 25.00 4.90 -9.03
N TYR A 325 23.82 4.25 -9.03
CA TYR A 325 22.54 4.91 -9.26
C TYR A 325 21.74 5.04 -7.96
N GLU A 326 21.25 6.26 -7.71
CA GLU A 326 20.45 6.55 -6.53
C GLU A 326 18.95 6.64 -6.88
N SER A 327 18.09 6.25 -5.94
CA SER A 327 16.66 6.31 -6.12
C SER A 327 16.07 7.52 -5.39
N ILE A 328 14.78 7.72 -5.64
CA ILE A 328 14.00 8.79 -5.02
C ILE A 328 14.05 8.73 -3.51
N LEU A 329 14.30 7.55 -2.96
CA LEU A 329 14.37 7.31 -1.52
C LEU A 329 15.80 7.35 -0.96
N GLY A 330 16.80 7.55 -1.82
CA GLY A 330 18.18 7.50 -1.34
C GLY A 330 18.85 6.15 -1.45
N SER A 331 18.13 5.13 -1.92
CA SER A 331 18.72 3.81 -2.09
C SER A 331 19.75 3.86 -3.21
N LEU A 332 20.76 3.02 -3.09
CA LEU A 332 21.79 2.80 -4.09
C LEU A 332 21.87 1.40 -4.63
N PHE A 333 22.10 1.33 -5.94
CA PHE A 333 22.54 0.12 -6.63
C PHE A 333 23.89 0.40 -7.24
N GLN A 334 24.71 -0.63 -7.28
CA GLN A 334 25.99 -0.58 -7.98
C GLN A 334 25.91 -1.42 -9.26
N GLY A 335 26.39 -0.85 -10.37
CA GLY A 335 26.52 -1.56 -11.64
C GLY A 335 27.94 -1.54 -12.18
N ARG A 336 28.27 -2.59 -12.91
CA ARG A 336 29.49 -2.62 -13.73
C ARG A 336 29.09 -3.20 -15.07
N VAL A 337 29.69 -2.70 -16.16
CA VAL A 337 29.63 -3.40 -17.46
C VAL A 337 30.75 -4.40 -17.47
N LEU A 338 30.42 -5.67 -17.68
CA LEU A 338 31.41 -6.74 -17.63
C LEU A 338 31.87 -7.23 -19.00
N GLY A 339 31.16 -6.87 -20.05
CA GLY A 339 31.44 -7.34 -21.41
C GLY A 339 30.66 -6.55 -22.44
N GLU A 340 31.20 -6.49 -23.65
CA GLU A 340 30.50 -5.93 -24.78
C GLU A 340 30.62 -6.89 -25.98
N GLU A 341 29.72 -6.74 -26.92
CA GLU A 341 29.76 -7.55 -28.14
C GLU A 341 29.05 -6.77 -29.23
N ARG A 342 29.58 -6.86 -30.44
CA ARG A 342 28.88 -6.44 -31.64
C ARG A 342 28.37 -7.65 -32.39
N ILE A 343 27.13 -7.58 -32.87
CA ILE A 343 26.50 -8.68 -33.54
C ILE A 343 26.32 -8.34 -35.05
N PRO A 344 27.21 -8.86 -35.89
CA PRO A 344 27.26 -8.47 -37.30
C PRO A 344 25.96 -8.75 -38.01
N GLY A 345 25.55 -7.83 -38.84
CA GLY A 345 24.37 -8.02 -39.65
C GLY A 345 23.08 -7.88 -38.89
N VAL A 346 23.13 -7.46 -37.63
CA VAL A 346 21.90 -7.19 -36.89
C VAL A 346 22.04 -5.75 -36.45
N LYS A 347 21.05 -4.93 -36.77
CA LYS A 347 21.06 -3.55 -36.32
C LYS A 347 19.79 -3.08 -35.61
N VAL A 348 19.98 -2.02 -34.83
CA VAL A 348 18.88 -1.27 -34.26
C VAL A 348 18.98 0.19 -34.79
N PRO A 349 17.97 1.01 -34.57
CA PRO A 349 18.00 2.36 -35.10
C PRO A 349 19.29 3.11 -34.75
N VAL A 350 19.86 2.92 -33.57
CA VAL A 350 21.11 3.65 -33.28
C VAL A 350 22.36 3.23 -34.05
N THR A 351 22.37 2.01 -34.60
CA THR A 351 23.55 1.44 -35.19
C THR A 351 23.91 2.18 -36.48
N LYS A 352 25.10 2.75 -36.52
CA LYS A 352 25.62 3.44 -37.73
C LYS A 352 26.08 2.51 -38.84
N ASP A 353 26.02 3.01 -40.07
CA ASP A 353 26.45 2.31 -41.23
C ASP A 353 27.94 1.99 -41.11
N ALA A 354 28.70 2.85 -40.42
CA ALA A 354 30.13 2.63 -40.26
C ALA A 354 30.46 1.48 -39.28
N GLU A 355 29.47 1.01 -38.52
CA GLU A 355 29.65 -0.15 -37.57
C GLU A 355 29.21 -1.49 -38.19
N GLU A 356 29.85 -2.58 -37.79
CA GLU A 356 29.55 -3.91 -38.38
C GLU A 356 28.16 -4.50 -37.98
N GLY A 357 27.83 -4.31 -36.74
CA GLY A 357 26.57 -4.73 -36.21
C GLY A 357 26.26 -4.03 -34.91
N MET A 358 25.13 -4.40 -34.31
CA MET A 358 24.65 -3.70 -33.13
C MET A 358 25.50 -4.04 -31.91
N LEU A 359 25.76 -3.01 -31.12
CA LEU A 359 26.41 -3.14 -29.86
C LEU A 359 25.45 -3.60 -28.70
N VAL A 360 25.88 -4.63 -27.97
CA VAL A 360 25.20 -5.06 -26.74
C VAL A 360 26.21 -5.16 -25.63
N VAL A 361 25.75 -5.02 -24.38
CA VAL A 361 26.65 -5.09 -23.24
C VAL A 361 26.13 -5.99 -22.14
N THR A 362 27.03 -6.56 -21.36
CA THR A 362 26.64 -7.33 -20.22
C THR A 362 26.80 -6.53 -18.94
N ALA A 363 25.69 -6.22 -18.31
CA ALA A 363 25.67 -5.47 -17.03
C ALA A 363 25.44 -6.35 -15.81
N GLU A 364 26.25 -6.11 -14.78
CA GLU A 364 26.07 -6.70 -13.49
C GLU A 364 25.48 -5.61 -12.57
N ILE A 365 24.42 -5.93 -11.85
CA ILE A 365 23.80 -5.08 -10.81
C ILE A 365 23.84 -5.77 -9.46
N THR A 366 24.20 -4.99 -8.43
CA THR A 366 24.26 -5.41 -7.05
C THR A 366 23.37 -4.54 -6.14
N GLY A 367 22.64 -5.22 -5.24
CA GLY A 367 21.92 -4.55 -4.17
C GLY A 367 21.53 -5.52 -3.09
N LYS A 368 20.70 -5.06 -2.18
CA LYS A 368 20.36 -5.87 -0.99
C LYS A 368 18.86 -6.00 -0.84
N ALA A 369 18.40 -7.22 -0.55
CA ALA A 369 16.98 -7.45 -0.30
C ALA A 369 16.78 -8.00 1.10
N PHE A 370 15.61 -7.74 1.66
CA PHE A 370 15.24 -8.26 2.97
C PHE A 370 13.94 -9.03 2.84
N ILE A 371 13.84 -10.13 3.57
CA ILE A 371 12.51 -10.75 3.77
C ILE A 371 11.75 -9.87 4.82
N MET A 372 10.56 -9.41 4.50
CA MET A 372 9.79 -8.61 5.41
C MET A 372 8.53 -9.35 5.89
N GLY A 373 8.26 -10.50 5.28
CA GLY A 373 7.15 -11.33 5.80
C GLY A 373 7.09 -12.65 5.08
N PHE A 374 6.43 -13.62 5.74
CA PHE A 374 5.95 -14.87 5.15
C PHE A 374 4.45 -14.79 5.27
N ASN A 375 3.76 -14.69 4.13
CA ASN A 375 2.33 -14.47 4.09
C ASN A 375 1.57 -15.60 3.41
N THR A 376 0.50 -16.00 4.06
CA THR A 376 -0.53 -16.75 3.40
C THR A 376 -1.70 -15.82 3.08
N MET A 377 -1.80 -15.54 1.79
CA MET A 377 -2.84 -14.72 1.21
C MET A 377 -4.16 -15.49 0.88
N LEU A 378 -5.29 -14.94 1.33
CA LEU A 378 -6.59 -15.64 1.28
C LEU A 378 -7.59 -14.90 0.40
N PHE A 379 -8.34 -15.67 -0.38
CA PHE A 379 -9.30 -15.17 -1.30
C PHE A 379 -10.61 -15.93 -1.04
N ASP A 380 -11.49 -15.30 -0.31
CA ASP A 380 -12.83 -15.83 -0.06
C ASP A 380 -13.66 -15.49 -1.29
N PRO A 381 -14.33 -16.51 -1.87
CA PRO A 381 -15.11 -16.34 -3.11
C PRO A 381 -16.20 -15.30 -3.03
N THR A 382 -16.68 -14.99 -1.83
CA THR A 382 -17.74 -14.01 -1.64
C THR A 382 -17.19 -12.62 -1.36
N ASP A 383 -15.87 -12.52 -1.26
CA ASP A 383 -15.18 -11.25 -1.03
C ASP A 383 -15.31 -10.39 -2.27
N PRO A 384 -15.90 -9.21 -2.15
CA PRO A 384 -16.11 -8.34 -3.29
C PRO A 384 -14.80 -7.81 -3.89
N PHE A 385 -13.72 -7.84 -3.12
CA PHE A 385 -12.42 -7.39 -3.67
C PHE A 385 -11.42 -8.52 -3.66
N LYS A 386 -11.91 -9.74 -3.94
CA LYS A 386 -11.04 -10.87 -4.22
C LYS A 386 -10.12 -10.62 -5.40
N ASN A 387 -10.51 -9.70 -6.29
CA ASN A 387 -9.69 -9.35 -7.47
C ASN A 387 -9.05 -7.99 -7.35
N GLY A 388 -9.08 -7.42 -6.14
CA GLY A 388 -8.40 -6.18 -5.83
C GLY A 388 -9.09 -4.95 -6.37
N PHE A 389 -8.58 -3.78 -6.00
CA PHE A 389 -9.10 -2.49 -6.54
C PHE A 389 -7.98 -1.48 -6.49
N THR A 390 -8.11 -0.43 -7.31
CA THR A 390 -7.30 0.78 -7.19
C THR A 390 -8.21 2.02 -7.24
N LEU A 391 -7.85 3.04 -6.45
CA LEU A 391 -8.49 4.32 -6.47
C LEU A 391 -7.68 5.34 -7.25
N LYS A 392 -6.60 4.88 -7.88
CA LYS A 392 -5.77 5.72 -8.71
C LYS A 392 -6.59 6.28 -9.88
N GLN A 393 -6.47 7.59 -9.99
CA GLN A 393 -7.28 8.42 -10.86
C GLN A 393 -7.08 8.01 -12.33
N TYR A 394 -8.23 7.85 -13.01
CA TYR A 394 -8.37 7.31 -14.38
C TYR A 394 -7.33 6.28 -14.83
N PHE B 42 17.43 -9.21 18.87
CA PHE B 42 17.76 -8.59 17.52
C PHE B 42 16.56 -8.58 16.56
N LYS B 43 16.40 -9.68 15.81
CA LYS B 43 15.27 -9.89 14.90
C LYS B 43 13.94 -9.87 15.65
N LYS B 44 12.97 -9.14 15.12
CA LYS B 44 11.61 -9.14 15.63
C LYS B 44 10.66 -9.80 14.58
N SER B 45 9.71 -10.61 15.04
CA SER B 45 8.55 -10.96 14.23
C SER B 45 7.22 -10.83 14.93
N PHE B 46 6.22 -10.40 14.16
CA PHE B 46 4.85 -10.25 14.62
C PHE B 46 3.94 -11.09 13.74
N THR B 47 2.94 -11.70 14.37
CA THR B 47 1.90 -12.35 13.61
C THR B 47 0.74 -11.39 13.50
N CYS B 48 0.16 -11.34 12.29
CA CYS B 48 -0.94 -10.49 11.90
C CYS B 48 -2.04 -11.37 11.33
N ILE B 49 -3.28 -11.07 11.68
CA ILE B 49 -4.43 -11.48 10.82
C ILE B 49 -4.78 -10.26 10.02
N ASP B 50 -4.49 -10.30 8.72
CA ASP B 50 -4.77 -9.24 7.79
C ASP B 50 -6.21 -9.37 7.30
N MET B 51 -6.98 -8.35 7.63
CA MET B 51 -8.37 -8.33 7.27
C MET B 51 -8.65 -7.12 6.49
N HIS B 52 -9.82 -7.13 5.84
CA HIS B 52 -10.41 -5.89 5.35
C HIS B 52 -11.91 -5.85 5.65
N THR B 53 -12.40 -4.65 5.86
CA THR B 53 -13.83 -4.41 6.07
C THR B 53 -14.34 -3.59 4.91
N GLU B 54 -14.95 -4.27 3.96
CA GLU B 54 -15.47 -3.68 2.78
C GLU B 54 -14.44 -2.84 2.05
N GLY B 55 -13.23 -3.38 1.97
CA GLY B 55 -12.14 -2.71 1.27
C GLY B 55 -11.13 -1.95 2.12
N GLU B 56 -11.51 -1.61 3.35
CA GLU B 56 -10.63 -0.95 4.31
C GLU B 56 -9.83 -1.96 5.14
N ALA B 57 -8.49 -1.83 5.06
CA ALA B 57 -7.61 -2.71 5.81
C ALA B 57 -7.80 -2.62 7.32
N ALA B 58 -7.53 -3.76 7.93
CA ALA B 58 -7.51 -3.94 9.35
C ALA B 58 -6.50 -5.04 9.65
N ARG B 59 -5.25 -4.60 9.83
CA ARG B 59 -4.14 -5.47 10.15
C ARG B 59 -4.10 -5.68 11.64
N ILE B 60 -4.52 -6.88 12.06
CA ILE B 60 -4.64 -7.19 13.50
C ILE B 60 -3.42 -7.95 14.00
N VAL B 61 -2.62 -7.30 14.85
CA VAL B 61 -1.40 -7.89 15.33
C VAL B 61 -1.75 -8.71 16.58
N THR B 62 -1.51 -10.02 16.48
CA THR B 62 -1.96 -10.97 17.48
C THR B 62 -0.85 -11.48 18.37
N SER B 63 0.41 -11.36 17.95
CA SER B 63 1.54 -11.74 18.81
C SER B 63 2.84 -11.15 18.32
N GLY B 64 3.82 -11.23 19.22
CA GLY B 64 5.18 -10.81 19.00
C GLY B 64 5.50 -9.43 19.44
N LEU B 65 4.51 -8.63 19.85
CA LEU B 65 4.80 -7.38 20.50
C LEU B 65 5.57 -7.47 21.83
N PRO B 66 6.44 -6.50 22.08
CA PRO B 66 7.03 -6.34 23.37
C PRO B 66 5.96 -6.09 24.40
N HIS B 67 6.31 -6.39 25.63
CA HIS B 67 5.44 -6.17 26.77
C HIS B 67 5.40 -4.67 27.15
N ILE B 68 4.18 -4.14 27.30
CA ILE B 68 3.82 -2.68 27.34
C ILE B 68 3.14 -2.52 28.73
N PRO B 69 3.53 -1.55 29.58
CA PRO B 69 2.71 -1.24 30.76
C PRO B 69 1.37 -0.57 30.47
N GLY B 70 0.65 -0.19 31.51
CA GLY B 70 -0.58 0.59 31.42
C GLY B 70 -1.67 -0.05 32.23
N SER B 71 -2.47 0.77 32.90
CA SER B 71 -3.54 0.24 33.73
C SER B 71 -4.90 0.35 33.00
N ASN B 72 -4.88 0.80 31.76
CA ASN B 72 -6.06 0.84 30.92
C ASN B 72 -5.58 0.97 29.46
N MET B 73 -6.46 0.74 28.49
CA MET B 73 -6.11 0.74 27.09
C MET B 73 -5.72 2.14 26.57
N ALA B 74 -6.29 3.21 27.13
CA ALA B 74 -5.88 4.59 26.78
C ALA B 74 -4.39 4.80 27.20
N GLU B 75 -4.00 4.27 28.37
CA GLU B 75 -2.58 4.33 28.75
C GLU B 75 -1.67 3.46 27.88
N LYS B 76 -2.13 2.29 27.46
CA LYS B 76 -1.31 1.47 26.55
C LYS B 76 -1.08 2.15 25.22
N LYS B 77 -2.14 2.73 24.65
CA LYS B 77 -2.03 3.59 23.48
C LYS B 77 -1.03 4.72 23.66
N ALA B 78 -1.13 5.45 24.76
CA ALA B 78 -0.20 6.53 25.06
C ALA B 78 1.25 6.01 25.16
N TYR B 79 1.43 4.82 25.75
CA TYR B 79 2.79 4.29 25.92
C TYR B 79 3.38 4.00 24.56
N LEU B 80 2.60 3.40 23.66
CA LEU B 80 3.04 3.13 22.29
C LEU B 80 3.40 4.41 21.55
N GLN B 81 2.45 5.35 21.57
CA GLN B 81 2.60 6.66 20.93
C GLN B 81 3.85 7.39 21.38
N GLU B 82 4.07 7.40 22.68
CA GLU B 82 5.14 8.16 23.28
C GLU B 82 6.50 7.44 23.24
N ASN B 83 6.57 6.13 23.41
CA ASN B 83 7.86 5.40 23.56
C ASN B 83 8.19 4.38 22.45
N MET B 84 7.19 3.89 21.74
CA MET B 84 7.44 2.82 20.73
C MET B 84 6.74 3.03 19.43
N ASP B 85 6.77 4.28 18.96
CA ASP B 85 6.05 4.65 17.74
C ASP B 85 6.64 4.03 16.49
N TYR B 86 7.85 3.53 16.60
CA TYR B 86 8.47 2.85 15.46
C TYR B 86 7.76 1.52 15.08
N LEU B 87 7.06 0.92 16.03
CA LEU B 87 6.30 -0.29 15.77
C LEU B 87 5.15 -0.03 14.78
N ARG B 88 4.32 0.97 15.10
CA ARG B 88 3.28 1.45 14.25
C ARG B 88 3.83 1.81 12.90
N ARG B 89 4.95 2.49 12.85
CA ARG B 89 5.45 2.92 11.53
C ARG B 89 5.92 1.75 10.68
N GLY B 90 6.59 0.79 11.30
CA GLY B 90 7.04 -0.40 10.62
C GLY B 90 5.94 -1.26 10.06
N ILE B 91 4.87 -1.36 10.84
CA ILE B 91 3.73 -2.20 10.54
C ILE B 91 2.73 -1.57 9.57
N MET B 92 2.56 -0.26 9.65
CA MET B 92 1.61 0.45 8.83
C MET B 92 2.11 0.92 7.47
N LEU B 93 3.36 1.40 7.44
CA LEU B 93 3.88 2.09 6.27
C LEU B 93 4.62 1.12 5.36
N GLU B 94 4.83 1.60 4.14
CA GLU B 94 5.67 0.86 3.21
C GLU B 94 7.00 0.54 3.91
N PRO B 95 7.68 -0.55 3.53
CA PRO B 95 7.23 -1.50 2.52
C PRO B 95 6.22 -2.58 3.00
N ARG B 96 6.04 -2.73 4.31
CA ARG B 96 5.15 -3.82 4.84
C ARG B 96 3.70 -3.38 4.76
N GLY B 97 3.47 -2.07 4.74
CA GLY B 97 2.13 -1.54 4.54
C GLY B 97 2.08 -0.54 3.43
N HIS B 98 1.31 0.52 3.63
CA HIS B 98 1.22 1.55 2.62
C HIS B 98 0.45 2.72 3.16
N ASP B 99 0.26 3.74 2.33
CA ASP B 99 -0.30 5.01 2.80
C ASP B 99 -1.76 5.03 3.23
N ASP B 100 -2.47 3.92 3.04
CA ASP B 100 -3.88 3.78 3.41
C ASP B 100 -4.11 2.56 4.25
N MET B 101 -3.05 2.08 4.88
CA MET B 101 -3.10 0.93 5.76
C MET B 101 -3.67 1.34 7.13
N PHE B 102 -4.27 0.37 7.84
CA PHE B 102 -4.89 0.57 9.13
C PHE B 102 -4.76 -0.72 9.91
N GLY B 103 -4.66 -0.63 11.23
CA GLY B 103 -4.66 -1.85 12.04
C GLY B 103 -4.80 -1.62 13.50
N ALA B 104 -4.40 -2.63 14.25
CA ALA B 104 -4.64 -2.68 15.69
C ALA B 104 -3.72 -3.68 16.33
N PHE B 105 -3.34 -3.42 17.57
CA PHE B 105 -2.69 -4.37 18.43
C PHE B 105 -3.69 -4.96 19.41
N LEU B 106 -3.62 -6.29 19.62
CA LEU B 106 -4.38 -6.93 20.71
C LEU B 106 -3.60 -7.05 21.99
N PHE B 107 -4.34 -6.90 23.09
CA PHE B 107 -3.85 -6.99 24.49
C PHE B 107 -4.85 -7.80 25.30
N ASP B 108 -4.41 -8.25 26.48
CA ASP B 108 -5.33 -8.76 27.47
C ASP B 108 -6.35 -7.68 27.77
N PRO B 109 -7.62 -8.04 27.97
CA PRO B 109 -8.60 -7.05 28.39
C PRO B 109 -8.27 -6.58 29.81
N ILE B 110 -8.59 -5.31 30.13
CA ILE B 110 -8.50 -4.77 31.49
C ILE B 110 -9.90 -4.42 32.08
N GLU B 111 -10.74 -3.76 31.31
CA GLU B 111 -12.05 -3.32 31.73
C GLU B 111 -12.93 -4.53 31.93
N GLU B 112 -13.68 -4.52 33.04
CA GLU B 112 -14.50 -5.70 33.40
C GLU B 112 -15.50 -5.97 32.29
N GLY B 113 -15.61 -7.23 31.85
CA GLY B 113 -16.56 -7.60 30.79
C GLY B 113 -16.01 -7.73 29.38
N ALA B 114 -14.79 -7.25 29.16
CA ALA B 114 -14.16 -7.30 27.82
C ALA B 114 -13.50 -8.63 27.56
N ASP B 115 -13.53 -9.10 26.31
CA ASP B 115 -12.79 -10.28 25.89
C ASP B 115 -11.32 -9.97 25.44
N LEU B 116 -11.16 -8.80 24.84
CA LEU B 116 -9.91 -8.40 24.22
C LEU B 116 -9.72 -6.95 24.48
N GLY B 117 -8.48 -6.58 24.83
CA GLY B 117 -8.04 -5.20 24.74
C GLY B 117 -7.55 -4.89 23.34
N ILE B 118 -7.76 -3.67 22.87
CA ILE B 118 -7.41 -3.31 21.50
C ILE B 118 -7.00 -1.86 21.40
N VAL B 119 -5.90 -1.65 20.70
CA VAL B 119 -5.41 -0.34 20.36
C VAL B 119 -5.26 -0.19 18.85
N PHE B 120 -5.89 0.86 18.32
CA PHE B 120 -5.91 1.10 16.88
C PHE B 120 -4.76 2.00 16.44
N MET B 121 -4.38 1.84 15.19
CA MET B 121 -3.28 2.60 14.61
C MET B 121 -3.50 2.81 13.13
N ASP B 122 -2.84 3.82 12.60
CA ASP B 122 -2.95 4.14 11.19
C ASP B 122 -1.65 4.84 10.72
N THR B 123 -1.68 5.46 9.56
CA THR B 123 -0.46 6.03 9.02
C THR B 123 -0.01 7.30 9.73
N GLY B 124 -0.87 7.94 10.52
CA GLY B 124 -0.47 9.13 11.29
C GLY B 124 -0.29 8.96 12.77
N GLY B 125 -1.16 8.17 13.38
CA GLY B 125 -1.19 8.04 14.80
C GLY B 125 -2.17 6.93 15.21
N TYR B 126 -3.00 7.22 16.23
CA TYR B 126 -3.77 6.23 16.96
C TYR B 126 -5.18 6.70 17.25
N LEU B 127 -6.18 6.12 16.61
CA LEU B 127 -7.57 6.56 16.86
C LEU B 127 -8.08 5.91 18.13
N ASN B 128 -8.87 6.66 18.92
CA ASN B 128 -9.42 6.07 20.16
C ASN B 128 -10.47 4.97 19.91
N MET B 129 -11.15 5.00 18.75
CA MET B 129 -12.07 3.91 18.38
C MET B 129 -12.04 3.80 16.87
N CYS B 130 -12.43 2.61 16.39
CA CYS B 130 -12.54 2.38 14.95
C CYS B 130 -13.58 1.31 14.71
N GLY B 131 -14.61 1.70 14.01
CA GLY B 131 -15.74 0.80 13.73
C GLY B 131 -15.36 -0.35 12.81
N HIS B 132 -14.74 -0.05 11.68
CA HIS B 132 -14.47 -1.11 10.71
C HIS B 132 -13.49 -2.12 11.30
N ASN B 133 -12.53 -1.65 12.07
CA ASN B 133 -11.56 -2.60 12.68
C ASN B 133 -12.13 -3.40 13.88
N SER B 134 -13.07 -2.77 14.59
CA SER B 134 -13.86 -3.52 15.59
C SER B 134 -14.70 -4.64 14.94
N ILE B 135 -15.36 -4.33 13.83
CA ILE B 135 -16.10 -5.33 13.08
C ILE B 135 -15.15 -6.43 12.63
N ALA B 136 -13.95 -6.03 12.17
CA ALA B 136 -12.96 -7.04 11.77
C ALA B 136 -12.47 -7.92 12.93
N ALA B 137 -12.21 -7.31 14.08
CA ALA B 137 -11.76 -8.05 15.29
C ALA B 137 -12.78 -9.05 15.83
N VAL B 138 -14.05 -8.61 15.87
CA VAL B 138 -15.19 -9.49 16.24
C VAL B 138 -15.21 -10.71 15.33
N THR B 139 -15.18 -10.46 14.02
CA THR B 139 -15.14 -11.48 13.01
C THR B 139 -13.98 -12.45 13.18
N ALA B 140 -12.77 -11.90 13.26
CA ALA B 140 -11.56 -12.69 13.40
C ALA B 140 -11.53 -13.50 14.69
N ALA B 141 -12.10 -12.94 15.77
CA ALA B 141 -12.15 -13.60 17.05
C ALA B 141 -12.92 -14.91 16.99
N VAL B 142 -14.07 -14.87 16.34
CA VAL B 142 -14.85 -16.08 16.18
C VAL B 142 -14.23 -17.03 15.11
N GLU B 143 -13.88 -16.50 13.96
CA GLU B 143 -13.33 -17.33 12.88
C GLU B 143 -12.03 -18.00 13.18
N THR B 144 -11.18 -17.41 13.99
CA THR B 144 -9.92 -18.06 14.34
C THR B 144 -9.91 -18.69 15.70
N GLY B 145 -11.07 -18.74 16.38
CA GLY B 145 -11.15 -19.43 17.67
C GLY B 145 -10.48 -18.67 18.81
N ILE B 146 -10.44 -17.35 18.73
CA ILE B 146 -10.01 -16.57 19.88
C ILE B 146 -11.10 -16.67 20.94
N VAL B 147 -12.35 -16.58 20.52
CA VAL B 147 -13.47 -16.82 21.43
C VAL B 147 -14.26 -18.02 20.96
N SER B 148 -14.79 -18.75 21.94
CA SER B 148 -15.57 -19.93 21.63
C SER B 148 -17.02 -19.61 21.26
N VAL B 149 -17.58 -20.49 20.43
CA VAL B 149 -18.98 -20.44 20.07
C VAL B 149 -19.76 -21.45 20.92
N PRO B 150 -20.73 -20.97 21.70
CA PRO B 150 -21.64 -21.84 22.45
C PRO B 150 -22.42 -22.82 21.59
N ALA B 151 -23.14 -23.71 22.27
CA ALA B 151 -23.77 -24.82 21.60
C ALA B 151 -24.96 -24.33 20.76
N LYS B 152 -24.87 -24.58 19.45
CA LYS B 152 -25.95 -24.18 18.51
C LYS B 152 -26.23 -22.65 18.50
N ALA B 153 -25.21 -21.84 18.81
CA ALA B 153 -25.36 -20.39 18.82
C ALA B 153 -25.51 -19.95 17.38
N THR B 154 -26.35 -18.94 17.18
CA THR B 154 -26.41 -18.24 15.90
C THR B 154 -25.71 -16.86 16.04
N ASN B 155 -25.42 -16.44 17.27
CA ASN B 155 -24.77 -15.14 17.56
C ASN B 155 -23.78 -15.27 18.68
N VAL B 156 -22.59 -14.68 18.50
CA VAL B 156 -21.53 -14.76 19.50
C VAL B 156 -21.06 -13.34 19.89
N PRO B 157 -21.19 -13.00 21.17
CA PRO B 157 -20.67 -11.73 21.69
C PRO B 157 -19.14 -11.74 21.74
N VAL B 158 -18.57 -10.61 21.35
CA VAL B 158 -17.13 -10.37 21.47
C VAL B 158 -17.04 -8.93 21.97
N VAL B 159 -16.56 -8.73 23.19
CA VAL B 159 -16.50 -7.38 23.78
C VAL B 159 -15.05 -6.84 23.76
N LEU B 160 -14.88 -5.64 23.26
CA LEU B 160 -13.59 -5.04 23.07
C LEU B 160 -13.41 -3.93 24.07
N ASP B 161 -12.25 -3.90 24.71
CA ASP B 161 -11.80 -2.87 25.63
C ASP B 161 -10.91 -1.95 24.80
N THR B 162 -11.42 -0.75 24.51
CA THR B 162 -10.76 0.23 23.63
C THR B 162 -10.41 1.49 24.38
N PRO B 163 -9.54 2.31 23.80
CA PRO B 163 -9.22 3.62 24.42
C PRO B 163 -10.39 4.60 24.57
N ALA B 164 -11.47 4.37 23.83
CA ALA B 164 -12.72 5.14 23.95
C ALA B 164 -13.72 4.51 24.89
N GLY B 165 -13.45 3.32 25.43
CA GLY B 165 -14.47 2.60 26.21
C GLY B 165 -14.86 1.25 25.59
N LEU B 166 -15.82 0.63 26.25
CA LEU B 166 -16.22 -0.76 26.05
C LEU B 166 -17.17 -0.80 24.84
N VAL B 167 -16.80 -1.63 23.87
CA VAL B 167 -17.50 -1.78 22.64
C VAL B 167 -18.04 -3.25 22.60
N ARG B 168 -19.36 -3.40 22.62
CA ARG B 168 -19.98 -4.73 22.65
C ARG B 168 -20.31 -5.19 21.25
N GLY B 169 -19.60 -6.19 20.78
CA GLY B 169 -19.82 -6.70 19.46
C GLY B 169 -20.50 -8.03 19.45
N THR B 170 -21.05 -8.37 18.28
CA THR B 170 -21.74 -9.65 18.03
C THR B 170 -21.37 -10.18 16.67
N ALA B 171 -20.78 -11.37 16.61
CA ALA B 171 -20.63 -12.03 15.31
C ALA B 171 -21.94 -12.74 15.01
N HIS B 172 -22.49 -12.47 13.84
CA HIS B 172 -23.71 -13.13 13.40
C HIS B 172 -23.30 -14.32 12.53
N LEU B 173 -23.68 -15.51 12.93
CA LEU B 173 -23.13 -16.71 12.29
C LEU B 173 -23.92 -17.20 11.04
N GLN B 174 -23.21 -17.82 10.11
CA GLN B 174 -23.85 -18.52 8.97
C GLN B 174 -24.56 -19.79 9.43
N SER B 175 -25.89 -19.82 9.23
CA SER B 175 -26.76 -21.03 9.32
C SER B 175 -26.17 -22.34 9.87
N GLY B 176 -25.51 -23.06 9.00
CA GLY B 176 -25.09 -24.42 9.31
C GLY B 176 -23.58 -24.41 9.52
N THR B 177 -23.14 -23.57 10.43
CA THR B 177 -21.72 -23.50 10.78
C THR B 177 -21.55 -23.23 12.26
N GLU B 178 -20.42 -23.72 12.78
CA GLU B 178 -20.00 -23.46 14.14
C GLU B 178 -19.35 -22.06 14.22
N SER B 179 -18.52 -21.72 13.23
CA SER B 179 -17.68 -20.53 13.38
C SER B 179 -17.51 -19.70 12.11
N GLU B 180 -18.42 -19.85 11.15
CA GLU B 180 -18.40 -19.03 9.93
C GLU B 180 -19.28 -17.80 10.16
N VAL B 181 -18.71 -16.64 9.93
CA VAL B 181 -19.40 -15.37 10.26
C VAL B 181 -20.02 -14.73 9.01
N SER B 182 -21.34 -14.41 9.04
CA SER B 182 -21.96 -13.73 7.89
C SER B 182 -21.74 -12.22 7.94
N ASN B 183 -21.88 -11.64 9.12
CA ASN B 183 -21.48 -10.25 9.36
C ASN B 183 -21.37 -10.03 10.88
N ALA B 184 -21.04 -8.82 11.29
CA ALA B 184 -20.81 -8.54 12.69
C ALA B 184 -21.36 -7.17 12.94
N SER B 185 -21.81 -6.97 14.16
CA SER B 185 -22.40 -5.73 14.57
C SER B 185 -21.60 -5.26 15.82
N ILE B 186 -21.43 -3.94 16.02
CA ILE B 186 -20.84 -3.40 17.24
C ILE B 186 -21.77 -2.35 17.84
N ILE B 187 -21.96 -2.40 19.14
CA ILE B 187 -22.60 -1.32 19.89
C ILE B 187 -21.47 -0.39 20.35
N ASN B 188 -21.45 0.81 19.77
CA ASN B 188 -20.38 1.77 20.03
C ASN B 188 -20.46 2.36 21.42
N VAL B 189 -19.36 2.97 21.88
CA VAL B 189 -19.42 3.88 23.04
C VAL B 189 -20.38 5.02 22.72
N PRO B 190 -20.88 5.71 23.75
CA PRO B 190 -21.86 6.79 23.50
C PRO B 190 -21.32 7.86 22.50
N SER B 191 -22.18 8.24 21.56
CA SER B 191 -21.92 9.28 20.60
C SER B 191 -22.76 10.51 20.91
N PHE B 192 -22.38 11.64 20.36
CA PHE B 192 -23.09 12.89 20.56
C PHE B 192 -22.69 13.99 19.57
N LEU B 193 -23.65 14.80 19.15
CA LEU B 193 -23.33 16.11 18.61
C LEU B 193 -22.66 16.93 19.72
N TYR B 194 -21.56 17.59 19.34
CA TYR B 194 -20.76 18.39 20.26
C TYR B 194 -20.93 19.90 20.03
N GLN B 195 -20.80 20.31 18.77
CA GLN B 195 -20.92 21.68 18.38
C GLN B 195 -21.44 21.75 16.97
N GLN B 196 -22.39 22.66 16.72
CA GLN B 196 -23.17 22.75 15.51
C GLN B 196 -22.83 24.00 14.77
N ASP B 197 -22.88 23.95 13.45
CA ASP B 197 -22.66 25.09 12.55
C ASP B 197 -21.39 25.91 12.84
N VAL B 198 -20.26 25.23 12.94
CA VAL B 198 -18.97 25.87 13.21
C VAL B 198 -18.42 26.36 11.88
N VAL B 199 -18.15 27.66 11.76
CA VAL B 199 -17.63 28.12 10.49
C VAL B 199 -16.11 28.24 10.62
N VAL B 200 -15.40 27.61 9.70
CA VAL B 200 -13.97 27.83 9.62
C VAL B 200 -13.54 28.22 8.21
N VAL B 201 -12.46 28.97 8.15
CA VAL B 201 -11.99 29.49 6.91
C VAL B 201 -10.77 28.69 6.50
N LEU B 202 -10.89 28.01 5.38
CA LEU B 202 -9.79 27.24 4.82
C LEU B 202 -9.09 28.08 3.77
N PRO B 203 -7.86 27.71 3.39
CA PRO B 203 -7.22 28.37 2.24
C PRO B 203 -8.01 28.19 0.96
N LYS B 204 -7.78 29.06 -0.01
CA LYS B 204 -8.20 28.84 -1.39
C LYS B 204 -7.71 27.46 -1.86
N PRO B 205 -8.52 26.72 -2.62
CA PRO B 205 -9.76 27.19 -3.19
C PRO B 205 -10.99 26.90 -2.33
N TYR B 206 -10.82 26.67 -1.04
CA TYR B 206 -11.94 26.17 -0.24
C TYR B 206 -12.69 27.29 0.43
N GLY B 207 -11.97 28.25 0.99
CA GLY B 207 -12.60 29.35 1.66
C GLY B 207 -13.38 28.91 2.90
N GLU B 208 -14.43 29.65 3.17
CA GLU B 208 -15.19 29.44 4.38
C GLU B 208 -16.17 28.29 4.22
N VAL B 209 -16.24 27.48 5.26
CA VAL B 209 -16.97 26.25 5.23
C VAL B 209 -17.70 26.15 6.60
N ARG B 210 -18.91 25.58 6.64
CA ARG B 210 -19.63 25.37 7.89
C ARG B 210 -19.81 23.88 8.16
N VAL B 211 -19.58 23.49 9.41
CA VAL B 211 -19.47 22.08 9.76
C VAL B 211 -20.07 21.84 11.10
N ASP B 212 -20.36 20.58 11.39
CA ASP B 212 -20.67 20.14 12.74
C ASP B 212 -19.53 19.33 13.29
N ILE B 213 -19.35 19.43 14.63
CA ILE B 213 -18.39 18.63 15.35
C ILE B 213 -19.22 17.65 16.17
N ALA B 214 -18.95 16.33 15.95
CA ALA B 214 -19.62 15.25 16.65
C ALA B 214 -18.66 14.13 17.06
N PHE B 215 -18.92 13.51 18.19
CA PHE B 215 -18.09 12.44 18.66
C PHE B 215 -18.75 11.11 18.31
N GLY B 216 -18.01 10.19 17.68
CA GLY B 216 -18.55 8.83 17.42
C GLY B 216 -17.56 7.74 17.84
N GLY B 217 -16.70 8.07 18.80
CA GLY B 217 -15.62 7.22 19.25
C GLY B 217 -14.31 7.94 18.97
N ASN B 218 -14.34 8.77 17.93
CA ASN B 218 -13.36 9.82 17.60
C ASN B 218 -14.19 11.11 17.44
N PHE B 219 -13.59 12.26 17.63
CA PHE B 219 -14.24 13.52 17.19
C PHE B 219 -14.08 13.70 15.72
N PHE B 220 -15.19 14.04 15.06
CA PHE B 220 -15.28 14.31 13.63
C PHE B 220 -15.73 15.78 13.38
N ALA B 221 -15.19 16.39 12.32
CA ALA B 221 -15.85 17.49 11.62
C ALA B 221 -16.59 16.88 10.47
N ILE B 222 -17.89 17.12 10.45
CA ILE B 222 -18.74 16.66 9.40
C ILE B 222 -19.09 17.82 8.44
N VAL B 223 -18.75 17.65 7.16
CA VAL B 223 -18.97 18.69 6.15
C VAL B 223 -19.60 18.11 4.86
N PRO B 224 -20.53 18.82 4.23
CA PRO B 224 -20.96 18.42 2.87
C PRO B 224 -19.86 18.64 1.83
N ALA B 225 -19.65 17.64 0.97
CA ALA B 225 -18.77 17.78 -0.19
C ALA B 225 -19.07 19.07 -0.98
N GLU B 226 -20.36 19.38 -1.08
CA GLU B 226 -20.84 20.54 -1.81
C GLU B 226 -20.20 21.85 -1.30
N GLN B 227 -19.98 21.96 0.02
CA GLN B 227 -19.33 23.16 0.55
C GLN B 227 -17.88 23.28 0.18
N LEU B 228 -17.27 22.15 -0.17
CA LEU B 228 -15.90 22.12 -0.59
C LEU B 228 -15.80 22.28 -2.09
N GLY B 229 -16.93 22.21 -2.78
CA GLY B 229 -16.95 22.27 -4.25
C GLY B 229 -16.24 21.10 -4.93
N ILE B 230 -16.29 19.92 -4.30
CA ILE B 230 -15.73 18.67 -4.84
C ILE B 230 -16.82 17.61 -4.77
N ASP B 231 -17.06 16.86 -5.84
CA ASP B 231 -17.91 15.65 -5.72
C ASP B 231 -17.11 14.51 -5.10
N ILE B 232 -17.80 13.69 -4.34
CA ILE B 232 -17.20 12.50 -3.79
C ILE B 232 -17.13 11.51 -4.93
N SER B 233 -15.91 11.28 -5.41
CA SER B 233 -15.68 10.39 -6.50
C SER B 233 -14.24 9.98 -6.43
N VAL B 234 -13.94 8.88 -7.09
CA VAL B 234 -12.58 8.37 -7.08
C VAL B 234 -11.66 9.38 -7.72
N GLN B 235 -12.12 9.98 -8.81
CA GLN B 235 -11.32 10.97 -9.50
C GLN B 235 -10.84 12.13 -8.57
N ASN B 236 -11.65 12.46 -7.57
CA ASN B 236 -11.37 13.59 -6.68
C ASN B 236 -10.68 13.25 -5.36
N LEU B 237 -10.17 12.04 -5.22
CA LEU B 237 -9.68 11.60 -3.92
C LEU B 237 -8.44 12.41 -3.37
N SER B 238 -7.49 12.76 -4.22
CA SER B 238 -6.40 13.65 -3.77
C SER B 238 -6.89 15.00 -3.20
N ARG B 239 -7.86 15.58 -3.89
CA ARG B 239 -8.40 16.84 -3.46
C ARG B 239 -9.16 16.65 -2.15
N LEU B 240 -9.87 15.54 -2.04
CA LEU B 240 -10.63 15.23 -0.83
C LEU B 240 -9.69 15.07 0.36
N GLN B 241 -8.56 14.41 0.15
CA GLN B 241 -7.55 14.24 1.16
C GLN B 241 -6.98 15.60 1.63
N GLU B 242 -6.66 16.46 0.65
CA GLU B 242 -6.11 17.74 0.92
C GLU B 242 -7.07 18.58 1.71
N ALA B 243 -8.33 18.67 1.30
CA ALA B 243 -9.36 19.45 2.01
C ALA B 243 -9.59 18.91 3.39
N GLY B 244 -9.57 17.58 3.52
CA GLY B 244 -9.74 16.94 4.82
C GLY B 244 -8.64 17.28 5.83
N GLU B 245 -7.39 17.25 5.37
CA GLU B 245 -6.21 17.63 6.15
C GLU B 245 -6.28 19.08 6.61
N LEU B 246 -6.51 19.99 5.66
CA LEU B 246 -6.59 21.42 5.97
C LEU B 246 -7.75 21.75 6.89
N LEU B 247 -8.90 21.08 6.71
CA LEU B 247 -9.98 21.27 7.63
C LEU B 247 -9.67 20.72 9.03
N ARG B 248 -9.12 19.52 9.13
CA ARG B 248 -8.76 18.99 10.43
C ARG B 248 -7.81 19.96 11.17
N THR B 249 -6.81 20.46 10.47
CA THR B 249 -5.82 21.35 11.06
C THR B 249 -6.43 22.67 11.56
N GLU B 250 -7.30 23.26 10.74
CA GLU B 250 -7.89 24.56 11.02
C GLU B 250 -8.85 24.46 12.16
N ILE B 251 -9.67 23.41 12.14
CA ILE B 251 -10.60 23.14 13.21
C ILE B 251 -9.89 23.01 14.56
N ASN B 252 -8.82 22.23 14.61
CA ASN B 252 -8.08 22.09 15.84
C ASN B 252 -7.38 23.40 16.31
N ARG B 253 -7.01 24.24 15.36
CA ARG B 253 -6.39 25.51 15.68
C ARG B 253 -7.44 26.43 16.33
N SER B 254 -8.65 26.42 15.74
CA SER B 254 -9.74 27.35 16.07
C SER B 254 -10.77 26.88 17.12
N VAL B 255 -10.97 25.57 17.22
CA VAL B 255 -11.93 25.06 18.18
C VAL B 255 -11.22 24.05 19.06
N LYS B 256 -11.17 24.32 20.36
CA LYS B 256 -10.57 23.38 21.30
C LYS B 256 -11.62 22.46 21.92
N VAL B 257 -11.64 21.20 21.50
CA VAL B 257 -12.68 20.24 21.93
C VAL B 257 -12.21 19.43 23.11
N GLN B 258 -13.15 18.91 23.89
CA GLN B 258 -12.78 18.08 25.02
C GLN B 258 -13.93 17.13 25.33
N HIS B 259 -13.65 15.84 25.28
CA HIS B 259 -14.68 14.86 25.56
C HIS B 259 -14.95 15.09 27.04
N PRO B 260 -16.21 15.29 27.44
CA PRO B 260 -16.51 15.59 28.83
C PRO B 260 -16.33 14.44 29.82
N GLN B 261 -16.21 13.20 29.36
CA GLN B 261 -15.94 12.10 30.31
C GLN B 261 -14.56 11.48 30.15
N LEU B 262 -13.87 11.76 29.02
CA LEU B 262 -12.56 11.16 28.72
C LEU B 262 -11.53 12.28 28.48
N PRO B 263 -10.80 12.67 29.54
CA PRO B 263 -9.84 13.75 29.43
C PRO B 263 -8.87 13.63 28.24
N HIS B 264 -8.43 12.42 27.91
CA HIS B 264 -7.40 12.23 26.87
C HIS B 264 -7.90 12.48 25.45
N ILE B 265 -9.20 12.59 25.23
CA ILE B 265 -9.69 12.88 23.90
C ILE B 265 -9.97 14.37 23.82
N ASN B 266 -9.08 15.11 23.16
CA ASN B 266 -9.15 16.58 23.10
C ASN B 266 -8.69 17.14 21.77
N THR B 267 -8.86 16.35 20.70
CA THR B 267 -8.55 16.80 19.34
C THR B 267 -9.61 16.20 18.41
N VAL B 268 -9.84 16.88 17.29
CA VAL B 268 -10.60 16.34 16.15
C VAL B 268 -9.65 15.57 15.21
N ASP B 269 -9.87 14.28 15.14
CA ASP B 269 -8.96 13.39 14.47
C ASP B 269 -9.41 12.95 13.07
N CYS B 270 -10.66 13.21 12.74
CA CYS B 270 -11.29 12.72 11.53
C CYS B 270 -12.20 13.75 10.93
N VAL B 271 -12.24 13.78 9.61
CA VAL B 271 -13.13 14.66 8.83
C VAL B 271 -13.96 13.80 7.91
N GLU B 272 -15.26 13.95 8.01
CA GLU B 272 -16.23 13.20 7.28
C GLU B 272 -16.88 14.11 6.24
N ILE B 273 -16.64 13.81 4.97
CA ILE B 273 -17.16 14.58 3.86
C ILE B 273 -18.30 13.78 3.24
N TYR B 274 -19.51 14.32 3.24
CA TYR B 274 -20.68 13.51 2.83
C TYR B 274 -21.46 14.17 1.70
N GLY B 275 -22.30 13.39 1.07
CA GLY B 275 -23.07 13.82 -0.11
C GLY B 275 -24.19 12.84 -0.44
N PRO B 276 -24.85 13.05 -1.58
CA PRO B 276 -25.92 12.15 -2.07
C PRO B 276 -25.47 10.76 -2.33
N PRO B 277 -26.31 9.78 -2.05
CA PRO B 277 -25.93 8.38 -2.28
C PRO B 277 -25.86 8.06 -3.79
N THR B 278 -25.13 7.02 -4.20
CA THR B 278 -25.26 6.47 -5.54
C THR B 278 -26.13 5.22 -5.49
N ASN B 279 -25.99 4.44 -4.42
CA ASN B 279 -26.82 3.28 -4.22
C ASN B 279 -28.15 3.74 -3.63
N PRO B 280 -29.26 3.39 -4.26
CA PRO B 280 -30.56 3.88 -3.80
C PRO B 280 -30.98 3.24 -2.48
N GLU B 281 -30.30 2.19 -2.04
CA GLU B 281 -30.51 1.67 -0.70
C GLU B 281 -29.86 2.55 0.38
N ALA B 282 -28.93 3.44 0.02
CA ALA B 282 -28.21 4.25 1.03
C ALA B 282 -28.89 5.59 1.25
N ASN B 283 -28.77 6.14 2.46
CA ASN B 283 -29.24 7.49 2.77
C ASN B 283 -28.28 8.53 2.21
N TYR B 284 -26.98 8.27 2.43
CA TYR B 284 -25.89 9.15 1.99
C TYR B 284 -24.65 8.36 1.64
N LYS B 285 -23.68 9.07 1.06
CA LYS B 285 -22.35 8.59 0.76
C LYS B 285 -21.29 9.46 1.51
N ASN B 286 -20.20 8.87 1.94
CA ASN B 286 -19.19 9.67 2.57
C ASN B 286 -17.82 9.13 2.27
N VAL B 287 -16.83 10.01 2.44
CA VAL B 287 -15.44 9.62 2.64
C VAL B 287 -14.86 10.31 3.90
N VAL B 288 -14.15 9.54 4.72
CA VAL B 288 -13.55 10.10 5.92
C VAL B 288 -12.04 10.20 5.70
N ILE B 289 -11.48 11.36 5.98
CA ILE B 289 -10.06 11.61 5.84
C ILE B 289 -9.47 11.67 7.23
N PHE B 290 -8.39 10.91 7.46
CA PHE B 290 -7.79 10.84 8.77
C PHE B 290 -6.33 10.40 8.65
N GLY B 291 -5.66 10.17 9.76
CA GLY B 291 -4.30 9.60 9.71
C GLY B 291 -3.38 10.64 9.05
N ASN B 292 -2.41 10.21 8.23
CA ASN B 292 -1.66 11.14 7.41
C ASN B 292 -2.46 11.38 6.11
N ARG B 293 -3.56 12.11 6.25
CA ARG B 293 -4.57 12.29 5.22
C ARG B 293 -4.84 11.04 4.32
N GLN B 294 -4.99 9.88 4.98
CA GLN B 294 -5.45 8.69 4.29
C GLN B 294 -6.97 8.79 4.23
N ALA B 295 -7.57 7.94 3.41
CA ALA B 295 -9.00 7.93 3.25
C ALA B 295 -9.54 6.52 3.55
N ASP B 296 -10.66 6.51 4.28
CA ASP B 296 -11.40 5.26 4.53
C ASP B 296 -12.19 4.83 3.28
N ARG B 297 -11.90 3.60 2.86
CA ARG B 297 -12.60 2.93 1.75
C ARG B 297 -13.94 2.37 2.20
N SER B 298 -14.10 2.13 3.52
CA SER B 298 -15.35 1.76 4.17
C SER B 298 -16.18 3.01 4.45
N PRO B 299 -17.47 2.85 4.76
CA PRO B 299 -18.29 4.00 5.12
C PRO B 299 -17.91 4.64 6.44
N CYS B 300 -17.06 3.97 7.24
CA CYS B 300 -16.47 4.47 8.52
C CYS B 300 -17.45 4.29 9.68
N GLY B 301 -17.14 3.37 10.58
CA GLY B 301 -18.09 3.04 11.61
C GLY B 301 -18.24 4.10 12.69
N THR B 302 -17.14 4.73 13.09
CA THR B 302 -17.25 5.86 14.05
C THR B 302 -17.88 7.08 13.36
N GLY B 303 -17.61 7.24 12.05
CA GLY B 303 -18.16 8.40 11.33
C GLY B 303 -19.66 8.21 11.10
N THR B 304 -20.11 6.96 10.86
CA THR B 304 -21.56 6.66 10.85
C THR B 304 -22.23 7.01 12.21
N SER B 305 -21.58 6.64 13.31
CA SER B 305 -22.11 6.89 14.63
C SER B 305 -22.22 8.37 14.85
N ALA B 306 -21.17 9.10 14.48
CA ALA B 306 -21.14 10.54 14.56
C ALA B 306 -22.26 11.20 13.73
N LYS B 307 -22.42 10.72 12.50
CA LYS B 307 -23.45 11.24 11.58
C LYS B 307 -24.85 10.95 12.16
N MET B 308 -25.05 9.74 12.68
CA MET B 308 -26.36 9.36 13.27
C MET B 308 -26.64 10.18 14.52
N ALA B 309 -25.63 10.40 15.37
CA ALA B 309 -25.84 11.26 16.55
C ALA B 309 -26.22 12.67 16.14
N THR B 310 -25.59 13.18 15.08
CA THR B 310 -25.94 14.51 14.55
C THR B 310 -27.38 14.58 14.00
N LEU B 311 -27.72 13.71 13.05
CA LEU B 311 -29.07 13.62 12.52
C LEU B 311 -30.12 13.45 13.63
N TYR B 312 -29.80 12.62 14.61
CA TYR B 312 -30.69 12.35 15.75
C TYR B 312 -30.97 13.62 16.54
N ALA B 313 -29.88 14.33 16.88
CA ALA B 313 -29.97 15.63 17.58
C ALA B 313 -30.87 16.61 16.84
N LYS B 314 -30.89 16.51 15.50
CA LYS B 314 -31.66 17.42 14.70
C LYS B 314 -33.06 16.88 14.36
N GLY B 315 -33.44 15.75 14.95
CA GLY B 315 -34.77 15.21 14.79
C GLY B 315 -34.96 14.50 13.46
N GLN B 316 -33.86 14.13 12.81
CA GLN B 316 -33.92 13.57 11.44
C GLN B 316 -33.75 12.08 11.39
N LEU B 317 -33.60 11.47 12.54
CA LEU B 317 -33.42 10.05 12.60
C LEU B 317 -33.99 9.61 13.90
N ARG B 318 -34.76 8.50 13.90
CA ARG B 318 -35.34 8.08 15.16
C ARG B 318 -34.78 6.77 15.67
N ILE B 319 -34.94 6.52 16.95
CA ILE B 319 -34.51 5.26 17.51
C ILE B 319 -35.06 4.10 16.66
N GLY B 320 -34.20 3.12 16.39
CA GLY B 320 -34.55 1.88 15.74
C GLY B 320 -34.66 1.95 14.21
N GLU B 321 -34.63 3.16 13.67
CA GLU B 321 -34.64 3.39 12.25
C GLU B 321 -33.28 3.02 11.60
N THR B 322 -33.33 2.22 10.54
CA THR B 322 -32.11 1.88 9.84
C THR B 322 -31.63 3.04 8.96
N PHE B 323 -30.37 3.39 9.18
CA PHE B 323 -29.58 4.35 8.39
C PHE B 323 -28.49 3.60 7.64
N VAL B 324 -28.38 3.83 6.34
CA VAL B 324 -27.49 3.08 5.52
C VAL B 324 -26.52 4.13 4.95
N TYR B 325 -25.20 3.91 5.14
CA TYR B 325 -24.18 4.87 4.71
C TYR B 325 -23.29 4.14 3.69
N GLU B 326 -23.06 4.84 2.58
CA GLU B 326 -22.28 4.33 1.48
C GLU B 326 -20.89 4.96 1.47
N SER B 327 -19.90 4.18 1.05
CA SER B 327 -18.50 4.68 0.94
C SER B 327 -18.22 5.08 -0.52
N ILE B 328 -17.03 5.65 -0.72
CA ILE B 328 -16.55 6.01 -2.04
C ILE B 328 -16.43 4.80 -3.01
N LEU B 329 -16.29 3.58 -2.45
CA LEU B 329 -16.19 2.34 -3.20
C LEU B 329 -17.57 1.71 -3.47
N GLY B 330 -18.62 2.25 -2.86
CA GLY B 330 -19.94 1.66 -2.97
C GLY B 330 -20.22 0.68 -1.86
N SER B 331 -19.29 0.52 -0.90
CA SER B 331 -19.53 -0.27 0.33
C SER B 331 -20.65 0.30 1.18
N LEU B 332 -21.43 -0.57 1.83
CA LEU B 332 -22.50 -0.10 2.75
C LEU B 332 -22.28 -0.56 4.17
N PHE B 333 -22.59 0.31 5.11
CA PHE B 333 -22.78 -0.08 6.50
C PHE B 333 -24.21 0.25 6.89
N GLN B 334 -24.76 -0.54 7.82
CA GLN B 334 -26.06 -0.27 8.44
C GLN B 334 -25.89 0.23 9.86
N GLY B 335 -26.60 1.28 10.24
CA GLY B 335 -26.52 1.81 11.59
C GLY B 335 -27.92 2.02 12.16
N ARG B 336 -28.02 1.91 13.47
CA ARG B 336 -29.28 2.21 14.17
C ARG B 336 -29.02 2.86 15.49
N VAL B 337 -29.74 3.89 15.82
CA VAL B 337 -29.73 4.44 17.18
C VAL B 337 -30.57 3.50 18.07
N LEU B 338 -29.93 3.02 19.13
CA LEU B 338 -30.54 2.05 20.05
C LEU B 338 -31.19 2.75 21.23
N GLY B 339 -30.74 3.93 21.54
CA GLY B 339 -31.19 4.61 22.72
C GLY B 339 -30.53 5.96 22.89
N GLU B 340 -31.16 6.78 23.73
CA GLU B 340 -30.73 8.15 24.01
C GLU B 340 -30.67 8.27 25.53
N GLU B 341 -29.98 9.30 25.99
CA GLU B 341 -29.81 9.56 27.41
C GLU B 341 -29.25 10.97 27.60
N ARG B 342 -29.73 11.65 28.63
CA ARG B 342 -29.21 12.91 29.09
C ARG B 342 -28.31 12.67 30.29
N ILE B 343 -27.15 13.32 30.32
CA ILE B 343 -26.24 13.23 31.45
C ILE B 343 -26.29 14.53 32.28
N PRO B 344 -27.00 14.48 33.41
CA PRO B 344 -27.31 15.71 34.16
C PRO B 344 -26.06 16.49 34.58
N GLY B 345 -26.06 17.80 34.31
CA GLY B 345 -24.99 18.71 34.77
C GLY B 345 -23.67 18.58 34.03
N VAL B 346 -23.71 17.93 32.88
CA VAL B 346 -22.53 17.77 31.99
C VAL B 346 -22.95 18.26 30.61
N LYS B 347 -22.28 19.30 30.12
CA LYS B 347 -22.68 19.97 28.91
C LYS B 347 -21.53 20.02 27.97
N VAL B 348 -21.89 20.10 26.68
CA VAL B 348 -20.98 20.38 25.59
C VAL B 348 -21.56 21.64 24.93
N PRO B 349 -20.82 22.26 24.00
CA PRO B 349 -21.27 23.52 23.39
C PRO B 349 -22.67 23.51 22.81
N VAL B 350 -23.09 22.38 22.25
CA VAL B 350 -24.44 22.34 21.68
C VAL B 350 -25.52 22.31 22.79
N THR B 351 -25.17 21.96 24.01
CA THR B 351 -26.15 21.80 25.07
C THR B 351 -26.73 23.19 25.47
N LYS B 352 -28.07 23.28 25.49
CA LYS B 352 -28.74 24.55 25.79
C LYS B 352 -28.66 24.90 27.26
N ASP B 353 -28.69 26.21 27.55
CA ASP B 353 -28.66 26.71 28.92
C ASP B 353 -29.75 26.08 29.75
N ALA B 354 -30.94 26.01 29.14
CA ALA B 354 -32.14 25.45 29.77
C ALA B 354 -32.10 23.92 29.89
N GLU B 355 -31.29 23.25 29.06
CA GLU B 355 -31.18 21.80 29.13
C GLU B 355 -30.26 21.47 30.30
N GLU B 356 -30.71 20.53 31.12
CA GLU B 356 -30.03 20.22 32.38
C GLU B 356 -28.80 19.33 32.21
N GLY B 357 -28.72 18.65 31.06
CA GLY B 357 -27.56 17.81 30.74
C GLY B 357 -27.46 17.47 29.26
N MET B 358 -26.28 17.03 28.85
CA MET B 358 -26.01 16.75 27.42
C MET B 358 -26.75 15.51 26.94
N LEU B 359 -27.12 15.51 25.66
CA LEU B 359 -27.68 14.34 24.97
C LEU B 359 -26.58 13.45 24.40
N VAL B 360 -26.68 12.14 24.66
CA VAL B 360 -25.81 11.12 24.05
C VAL B 360 -26.72 10.06 23.48
N VAL B 361 -26.26 9.40 22.40
CA VAL B 361 -26.95 8.23 21.86
C VAL B 361 -26.05 7.01 21.80
N THR B 362 -26.64 5.85 21.80
CA THR B 362 -25.94 4.60 21.53
C THR B 362 -26.28 4.11 20.13
N ALA B 363 -25.29 3.97 19.28
CA ALA B 363 -25.43 3.45 17.92
C ALA B 363 -24.81 2.05 17.76
N GLU B 364 -25.48 1.25 16.94
CA GLU B 364 -25.03 -0.03 16.54
C GLU B 364 -24.71 0.08 15.07
N ILE B 365 -23.60 -0.51 14.67
CA ILE B 365 -23.13 -0.51 13.28
C ILE B 365 -22.89 -1.98 12.90
N THR B 366 -23.26 -2.29 11.67
CA THR B 366 -23.17 -3.64 11.14
C THR B 366 -22.47 -3.55 9.79
N GLY B 367 -21.49 -4.45 9.58
CA GLY B 367 -20.77 -4.59 8.34
C GLY B 367 -20.12 -5.97 8.28
N LYS B 368 -19.34 -6.21 7.22
CA LYS B 368 -18.72 -7.52 6.99
C LYS B 368 -17.22 -7.35 6.75
N ALA B 369 -16.44 -8.23 7.37
CA ALA B 369 -15.03 -8.26 7.23
C ALA B 369 -14.63 -9.62 6.70
N PHE B 370 -13.50 -9.62 6.00
CA PHE B 370 -12.94 -10.83 5.44
C PHE B 370 -11.51 -10.94 5.91
N ILE B 371 -11.09 -12.14 6.23
CA ILE B 371 -9.67 -12.45 6.38
C ILE B 371 -9.01 -12.44 4.96
N MET B 372 -8.01 -11.57 4.74
CA MET B 372 -7.26 -11.55 3.48
C MET B 372 -5.83 -12.17 3.57
N GLY B 373 -5.33 -12.38 4.78
CA GLY B 373 -3.97 -12.95 4.96
C GLY B 373 -3.69 -13.38 6.38
N PHE B 374 -2.87 -14.40 6.51
CA PHE B 374 -2.22 -14.72 7.78
C PHE B 374 -0.73 -14.44 7.56
N ASN B 375 -0.19 -13.42 8.21
CA ASN B 375 1.10 -12.85 7.89
C ASN B 375 2.03 -12.96 9.08
N THR B 376 3.27 -13.36 8.85
CA THR B 376 4.30 -13.23 9.82
C THR B 376 5.27 -12.17 9.32
N MET B 377 5.23 -11.03 9.98
CA MET B 377 5.93 -9.84 9.59
C MET B 377 7.28 -9.77 10.30
N LEU B 378 8.34 -9.49 9.53
CA LEU B 378 9.71 -9.56 9.99
C LEU B 378 10.44 -8.21 9.92
N PHE B 379 11.34 -8.01 10.89
CA PHE B 379 12.08 -6.78 11.03
C PHE B 379 13.54 -7.14 11.38
N ASP B 380 14.39 -7.12 10.38
CA ASP B 380 15.82 -7.22 10.54
C ASP B 380 16.39 -5.85 11.07
N PRO B 381 17.17 -5.89 12.16
CA PRO B 381 17.80 -4.70 12.75
C PRO B 381 18.63 -3.90 11.74
N THR B 382 19.12 -4.58 10.70
CA THR B 382 19.92 -3.92 9.68
C THR B 382 19.13 -3.43 8.48
N ASP B 383 17.83 -3.63 8.48
CA ASP B 383 17.00 -3.15 7.39
C ASP B 383 16.83 -1.64 7.58
N PRO B 384 17.26 -0.79 6.63
CA PRO B 384 17.03 0.65 6.75
C PRO B 384 15.59 1.06 6.69
N PHE B 385 14.69 0.16 6.24
CA PHE B 385 13.28 0.39 6.28
C PHE B 385 12.53 -0.47 7.27
N LYS B 386 13.21 -0.93 8.33
CA LYS B 386 12.54 -1.63 9.46
C LYS B 386 11.44 -0.80 10.08
N ASN B 387 11.55 0.52 9.99
CA ASN B 387 10.52 1.40 10.53
C ASN B 387 9.68 2.09 9.49
N GLY B 388 9.68 1.58 8.25
CA GLY B 388 8.81 2.11 7.24
C GLY B 388 9.21 3.43 6.62
N PHE B 389 8.51 3.84 5.57
CA PHE B 389 8.67 5.15 4.89
C PHE B 389 7.36 5.49 4.25
N THR B 390 7.17 6.77 3.97
CA THR B 390 6.13 7.26 3.10
C THR B 390 6.70 8.25 2.10
N LEU B 391 6.13 8.28 0.93
CA LEU B 391 6.51 9.25 -0.09
C LEU B 391 5.47 10.33 -0.15
N LYS B 392 4.48 10.28 0.73
CA LYS B 392 3.46 11.34 0.77
C LYS B 392 4.10 12.60 1.39
N GLN B 393 3.80 13.76 0.80
CA GLN B 393 4.38 15.01 1.23
C GLN B 393 3.43 15.63 2.24
N TYR B 394 3.98 16.29 3.24
CA TYR B 394 3.17 17.03 4.17
C TYR B 394 2.67 18.31 3.52
N ILE B 395 1.49 18.72 3.93
CA ILE B 395 0.91 19.96 3.42
C ILE B 395 0.42 20.77 4.61
N TRP B 396 0.32 22.09 4.36
CA TRP B 396 -0.12 23.02 5.41
C TRP B 396 -0.50 24.36 4.76
N SER B 397 -1.38 25.11 5.44
CA SER B 397 -1.83 26.41 4.95
C SER B 397 -0.69 27.40 5.06
N SER B 398 -0.53 28.24 4.04
CA SER B 398 0.56 29.22 4.06
C SER B 398 0.28 30.25 5.19
O7 PYC C . 14.45 -3.24 -10.88
O8 PYC C . 14.30 -3.63 -13.01
C1 PYC C . 13.86 -3.21 -11.92
C2 PYC C . 12.48 -2.70 -11.88
C3 PYC C . 11.64 -2.60 -12.99
C4 PYC C . 10.47 -2.05 -12.51
C5 PYC C . 10.61 -1.88 -11.15
N6 PYC C . 11.86 -2.25 -10.77
O7 PYC D . -14.57 2.71 10.91
O8 PYC D . -14.49 4.08 12.62
C1 PYC D . -14.04 3.61 11.55
C2 PYC D . -12.81 4.23 10.99
C3 PYC D . -12.12 5.29 11.55
C4 PYC D . -11.06 5.53 10.72
C5 PYC D . -11.13 4.64 9.67
N6 PYC D . -12.22 3.86 9.86
#